data_1OJO
#
_entry.id   1OJO
#
_cell.length_a   83.739
_cell.length_b   103.779
_cell.length_c   101.151
_cell.angle_alpha   90.00
_cell.angle_beta   90.00
_cell.angle_gamma   90.00
#
_symmetry.space_group_name_H-M   'P 21 21 21'
#
loop_
_entity.id
_entity.type
_entity.pdbx_description
1 polymer 'HYALURONATE LYASE'
2 branched '4-deoxy-alpha-L-threo-hex-4-enopyranuronic acid-(1-3)-2-acetamido-2-deoxy-4-O-sulfo-beta-D-galactopyranose'
3 non-polymer 'SULFATE ION'
4 water water
#
_entity_poly.entity_id   1
_entity_poly.type   'polypeptide(L)'
_entity_poly.pdbx_seq_one_letter_code
;ASVKDTYTDRLDDWNGIIAGNQYYDSKNDQMAKLNQELEGKVADSLSSISSQADRIYLWEKFSNYKTSANLTATYRKLEE
MAKQVTNPSSRYYQDETVVRTVRDSMEWMHKHVYNSEKSIVGNWWDYEIGTPRAINNTLSLMKEYFSDEEIKKYTDVIEK
FVPDPEHFRKTTDNPFKALGGNLVDMGRVKVIAGLLRKDDQEISSTIRSIEQVFKLVDQGEGFYQDGSYIDHTNVAYTGA
FGNVLIDGLSQLLPVIQKTKNPIDKDKMQTMYHWIDKSFAPLLVNGELMDMSRGRSISRANSEGHVAAVEVLRGIHRIAD
MSEGETKQRLQSLVKTIVQSDSYYDVFKNLKTYKDISLMQSLLSDAGVASVPRTSYLSAFNKMDKTAMYNAEKGFGFGLS
LFSSRTLNYEHMNKENKRGWYTSDGMFYLYNGDLSHYSDGYWPTVNPYKMPGTTETDAKRADSDTGKVLPSAFVGTSKLD
DANATATMDFTNWNQTLTAHKSWFMLKDKIAFLGSNIQNTSTDTAATTIDQRKLESSNPYKVYVNDKEASLTEQEKDYPE
TQSVFLESSDSKKNIGYFFFKKSSISMSKALQKGAWKDINEGQSDKEVENEFLTISQAHKQNRDSYGYMLIPNVDRATFN
QMIKELESSLIENNETLQSVYDAKQGVWGIVKYDDSVSTISNQFQVLKRGVYTIRKEGDEYKIAYYNPETQESAPDQEVF
KKLEQHHHHHH
;
_entity_poly.pdbx_strand_id   A
#
loop_
_chem_comp.id
_chem_comp.type
_chem_comp.name
_chem_comp.formula
ASG D-saccharide, beta linking 2-acetamido-2-deoxy-4-O-sulfo-beta-D-galactopyranose 'C8 H15 N O9 S'
GCD L-saccharide, alpha linking '4-deoxy-alpha-L-threo-hex-4-enopyranuronic acid' 'C6 H8 O6'
SO4 non-polymer 'SULFATE ION' 'O4 S -2'
#
# COMPACT_ATOMS: atom_id res chain seq x y z
N VAL A 3 17.79 16.71 -35.09
CA VAL A 3 17.16 18.06 -35.29
C VAL A 3 16.74 18.65 -33.95
N LYS A 4 17.58 19.52 -33.39
CA LYS A 4 17.27 20.15 -32.11
C LYS A 4 16.06 21.06 -32.29
N ASP A 5 14.96 20.71 -31.64
CA ASP A 5 13.71 21.47 -31.74
C ASP A 5 12.95 21.42 -30.42
N THR A 6 11.67 21.78 -30.45
CA THR A 6 10.85 21.78 -29.24
C THR A 6 10.69 20.38 -28.68
N TYR A 7 10.71 19.38 -29.56
CA TYR A 7 10.58 17.99 -29.13
C TYR A 7 11.80 17.61 -28.30
N THR A 8 12.99 17.93 -28.81
CA THR A 8 14.22 17.62 -28.11
C THR A 8 14.29 18.40 -26.80
N ASP A 9 13.70 19.59 -26.79
CA ASP A 9 13.68 20.43 -25.60
C ASP A 9 12.90 19.71 -24.50
N ARG A 10 11.76 19.13 -24.88
CA ARG A 10 10.93 18.41 -23.93
C ARG A 10 11.67 17.16 -23.46
N LEU A 11 12.39 16.52 -24.37
CA LEU A 11 13.15 15.32 -24.03
C LEU A 11 14.30 15.67 -23.08
N ASP A 12 14.84 16.87 -23.22
CA ASP A 12 15.91 17.29 -22.32
C ASP A 12 15.32 17.41 -20.91
N ASP A 13 14.13 18.00 -20.83
CA ASP A 13 13.46 18.15 -19.53
C ASP A 13 13.17 16.76 -18.96
N TRP A 14 12.76 15.84 -19.83
CA TRP A 14 12.46 14.48 -19.40
C TRP A 14 13.73 13.84 -18.86
N ASN A 15 14.85 14.04 -19.55
CA ASN A 15 16.12 13.48 -19.10
C ASN A 15 16.50 14.02 -17.72
N GLY A 16 16.21 15.29 -17.48
CA GLY A 16 16.54 15.87 -16.19
C GLY A 16 15.68 15.29 -15.08
N ILE A 17 14.51 14.77 -15.47
CA ILE A 17 13.58 14.16 -14.50
C ILE A 17 13.86 12.69 -14.23
N ILE A 18 14.12 11.92 -15.29
CA ILE A 18 14.36 10.48 -15.13
C ILE A 18 15.79 10.10 -14.74
N ALA A 19 16.72 11.04 -14.86
CA ALA A 19 18.11 10.75 -14.51
C ALA A 19 18.69 11.92 -13.73
N GLY A 20 18.60 13.11 -14.32
CA GLY A 20 19.07 14.31 -13.67
C GLY A 20 20.58 14.53 -13.67
N ASN A 21 21.28 14.06 -14.69
CA ASN A 21 22.73 14.24 -14.72
C ASN A 21 23.17 15.69 -14.62
N GLN A 22 22.34 16.60 -15.11
CA GLN A 22 22.67 18.02 -15.07
C GLN A 22 22.75 18.54 -13.63
N TYR A 23 22.15 17.81 -12.70
CA TYR A 23 22.16 18.21 -11.29
C TYR A 23 23.20 17.49 -10.46
N TYR A 24 23.87 16.51 -11.06
CA TYR A 24 24.87 15.74 -10.32
C TYR A 24 25.98 16.60 -9.73
N ASP A 25 26.43 16.20 -8.55
CA ASP A 25 27.50 16.90 -7.83
C ASP A 25 28.27 15.84 -7.07
N SER A 26 29.51 15.59 -7.49
CA SER A 26 30.35 14.57 -6.86
C SER A 26 30.58 14.82 -5.38
N LYS A 27 30.50 16.08 -4.97
CA LYS A 27 30.70 16.45 -3.58
C LYS A 27 29.45 16.22 -2.75
N ASN A 28 28.37 15.84 -3.44
CA ASN A 28 27.09 15.57 -2.78
C ASN A 28 27.10 14.08 -2.44
N ASP A 29 27.25 13.77 -1.15
CA ASP A 29 27.31 12.39 -0.69
C ASP A 29 26.17 11.48 -1.15
N GLN A 30 24.93 11.93 -1.03
CA GLN A 30 23.78 11.11 -1.44
C GLN A 30 23.79 10.86 -2.94
N MET A 31 24.10 11.89 -3.73
CA MET A 31 24.13 11.71 -5.17
C MET A 31 25.26 10.77 -5.57
N ALA A 32 26.42 10.94 -4.94
CA ALA A 32 27.57 10.10 -5.25
C ALA A 32 27.24 8.62 -5.01
N LYS A 33 26.41 8.37 -4.01
CA LYS A 33 25.99 7.01 -3.66
C LYS A 33 25.16 6.40 -4.78
N LEU A 34 24.25 7.17 -5.36
CA LEU A 34 23.42 6.68 -6.45
C LEU A 34 24.28 6.48 -7.70
N ASN A 35 25.20 7.41 -7.94
CA ASN A 35 26.09 7.31 -9.09
C ASN A 35 26.89 6.01 -9.01
N GLN A 36 27.43 5.73 -7.83
N GLN A 36 27.44 5.72 -7.83
CA GLN A 36 28.21 4.53 -7.58
CA GLN A 36 28.21 4.50 -7.64
C GLN A 36 27.39 3.27 -7.87
C GLN A 36 27.38 3.26 -7.89
N GLU A 37 26.10 3.32 -7.54
CA GLU A 37 25.21 2.20 -7.76
C GLU A 37 25.06 1.96 -9.25
N LEU A 38 24.85 3.04 -9.99
CA LEU A 38 24.69 2.94 -11.44
C LEU A 38 26.00 2.50 -12.10
N GLU A 39 27.13 2.95 -11.55
CA GLU A 39 28.43 2.56 -12.09
C GLU A 39 28.56 1.05 -11.98
N GLY A 40 28.23 0.53 -10.80
CA GLY A 40 28.31 -0.90 -10.55
C GLY A 40 27.39 -1.72 -11.44
N LYS A 41 26.16 -1.25 -11.62
CA LYS A 41 25.20 -1.94 -12.46
C LYS A 41 25.69 -2.03 -13.90
N VAL A 42 26.21 -0.92 -14.42
CA VAL A 42 26.72 -0.87 -15.78
C VAL A 42 27.95 -1.77 -15.91
N ALA A 43 28.83 -1.71 -14.92
CA ALA A 43 30.03 -2.53 -14.92
C ALA A 43 29.64 -4.01 -14.99
N ASP A 44 28.66 -4.39 -14.17
CA ASP A 44 28.20 -5.77 -14.16
C ASP A 44 27.59 -6.17 -15.49
N SER A 45 26.80 -5.28 -16.08
CA SER A 45 26.16 -5.57 -17.35
C SER A 45 27.20 -5.71 -18.47
N LEU A 46 28.18 -4.82 -18.47
CA LEU A 46 29.22 -4.84 -19.50
C LEU A 46 30.11 -6.08 -19.45
N SER A 47 30.37 -6.60 -18.25
CA SER A 47 31.25 -7.76 -18.12
C SER A 47 30.55 -9.10 -18.29
N SER A 48 29.22 -9.08 -18.30
CA SER A 48 28.46 -10.32 -18.44
C SER A 48 27.72 -10.40 -19.77
N ILE A 49 27.68 -9.29 -20.50
CA ILE A 49 26.98 -9.28 -21.79
C ILE A 49 27.70 -10.20 -22.78
N SER A 50 26.94 -10.79 -23.70
CA SER A 50 27.51 -11.67 -24.70
C SER A 50 28.18 -10.88 -25.82
N SER A 51 29.45 -11.18 -26.09
CA SER A 51 30.22 -10.49 -27.12
C SER A 51 30.61 -11.46 -28.21
N GLN A 52 29.91 -12.58 -28.24
CA GLN A 52 30.14 -13.65 -29.19
C GLN A 52 29.23 -13.51 -30.41
N ALA A 53 29.76 -13.81 -31.60
CA ALA A 53 28.95 -13.71 -32.81
C ALA A 53 27.87 -14.80 -32.73
N ASP A 54 26.71 -14.54 -33.32
CA ASP A 54 25.60 -15.49 -33.32
C ASP A 54 25.10 -15.85 -31.92
N ARG A 55 25.15 -14.86 -31.03
CA ARG A 55 24.71 -15.05 -29.65
C ARG A 55 23.20 -15.29 -29.63
N ILE A 56 22.76 -16.14 -28.72
CA ILE A 56 21.33 -16.46 -28.61
C ILE A 56 20.67 -15.56 -27.57
N TYR A 57 21.44 -14.62 -27.03
CA TYR A 57 20.93 -13.70 -26.02
C TYR A 57 22.01 -12.69 -25.66
N LEU A 58 21.60 -11.62 -24.98
CA LEU A 58 22.53 -10.58 -24.56
C LEU A 58 23.03 -10.92 -23.15
N TRP A 59 22.10 -11.30 -22.29
CA TRP A 59 22.43 -11.67 -20.91
C TRP A 59 21.81 -13.02 -20.58
N GLU A 60 22.67 -14.00 -20.28
CA GLU A 60 22.26 -15.37 -19.98
C GLU A 60 21.16 -15.50 -18.92
N LYS A 61 21.13 -14.58 -17.96
N LYS A 61 21.14 -14.56 -17.98
CA LYS A 61 20.12 -14.67 -16.90
CA LYS A 61 20.17 -14.59 -16.91
C LYS A 61 18.78 -14.06 -17.34
C LYS A 61 18.80 -14.07 -17.35
N PHE A 62 18.77 -13.51 -18.57
CA PHE A 62 17.57 -12.95 -19.15
C PHE A 62 17.59 -13.39 -20.61
N SER A 63 17.88 -14.68 -20.80
CA SER A 63 18.00 -15.28 -22.13
C SER A 63 16.73 -15.85 -22.75
N ASN A 64 15.88 -16.46 -21.93
CA ASN A 64 14.63 -17.03 -22.45
C ASN A 64 13.65 -15.91 -22.75
N TYR A 65 13.63 -15.50 -24.00
CA TYR A 65 12.76 -14.42 -24.43
C TYR A 65 11.28 -14.78 -24.57
N LYS A 66 10.95 -16.01 -24.19
CA LYS A 66 9.55 -16.43 -24.24
C LYS A 66 8.95 -15.92 -22.93
N THR A 67 9.84 -15.57 -22.00
CA THR A 67 9.44 -15.02 -20.70
C THR A 67 9.56 -13.51 -20.87
N SER A 68 8.42 -12.87 -21.08
CA SER A 68 8.37 -11.42 -21.31
C SER A 68 9.19 -10.58 -20.33
N ALA A 69 9.28 -11.02 -19.08
CA ALA A 69 10.04 -10.27 -18.07
C ALA A 69 11.49 -10.05 -18.50
N ASN A 70 12.01 -10.96 -19.32
CA ASN A 70 13.40 -10.88 -19.79
C ASN A 70 13.62 -9.74 -20.78
N LEU A 71 12.57 -9.33 -21.49
CA LEU A 71 12.71 -8.23 -22.42
C LEU A 71 12.90 -6.93 -21.66
N THR A 72 12.02 -6.68 -20.70
CA THR A 72 12.06 -5.47 -19.90
C THR A 72 13.36 -5.35 -19.12
N ALA A 73 13.80 -6.45 -18.52
CA ALA A 73 15.03 -6.45 -17.74
C ALA A 73 16.21 -6.13 -18.64
N THR A 74 16.19 -6.67 -19.86
CA THR A 74 17.27 -6.44 -20.81
C THR A 74 17.36 -4.98 -21.23
N TYR A 75 16.24 -4.41 -21.64
CA TYR A 75 16.20 -3.01 -22.05
C TYR A 75 16.51 -2.06 -20.90
N ARG A 76 16.17 -2.46 -19.68
CA ARG A 76 16.45 -1.61 -18.54
C ARG A 76 17.96 -1.52 -18.29
N LYS A 77 18.69 -2.56 -18.67
CA LYS A 77 20.14 -2.57 -18.50
C LYS A 77 20.73 -1.54 -19.47
N LEU A 78 20.08 -1.38 -20.62
CA LEU A 78 20.54 -0.42 -21.61
C LEU A 78 20.23 1.00 -21.14
N GLU A 79 19.12 1.17 -20.44
CA GLU A 79 18.76 2.49 -19.92
C GLU A 79 19.80 2.93 -18.90
N GLU A 80 20.28 1.98 -18.09
CA GLU A 80 21.28 2.28 -17.08
C GLU A 80 22.55 2.76 -17.78
N MET A 81 22.88 2.11 -18.90
CA MET A 81 24.06 2.49 -19.67
C MET A 81 23.90 3.90 -20.22
N ALA A 82 22.71 4.21 -20.73
CA ALA A 82 22.45 5.52 -21.30
C ALA A 82 22.58 6.62 -20.24
N LYS A 83 22.19 6.30 -19.01
CA LYS A 83 22.29 7.27 -17.94
C LYS A 83 23.74 7.62 -17.63
N GLN A 84 24.61 6.61 -17.62
CA GLN A 84 26.02 6.84 -17.31
C GLN A 84 26.83 7.43 -18.46
N VAL A 85 26.55 6.99 -19.68
N VAL A 85 26.56 7.00 -19.68
CA VAL A 85 27.28 7.51 -20.84
CA VAL A 85 27.29 7.52 -20.83
C VAL A 85 27.05 9.00 -20.99
C VAL A 85 27.08 9.02 -20.96
N THR A 86 25.97 9.50 -20.39
CA THR A 86 25.64 10.92 -20.46
C THR A 86 25.89 11.65 -19.13
N ASN A 87 26.57 10.99 -18.20
CA ASN A 87 26.89 11.59 -16.90
C ASN A 87 28.38 11.94 -16.88
N PRO A 88 28.71 13.23 -16.98
CA PRO A 88 30.11 13.69 -17.00
C PRO A 88 31.01 13.13 -15.90
N SER A 89 30.42 12.75 -14.77
CA SER A 89 31.19 12.21 -13.66
C SER A 89 31.35 10.69 -13.66
N SER A 90 30.67 10.03 -14.58
CA SER A 90 30.75 8.57 -14.68
C SER A 90 32.01 8.16 -15.41
N ARG A 91 32.56 7.00 -15.05
CA ARG A 91 33.75 6.48 -15.69
C ARG A 91 33.38 6.05 -17.11
N TYR A 92 32.07 5.99 -17.37
CA TYR A 92 31.57 5.59 -18.68
C TYR A 92 31.13 6.77 -19.54
N TYR A 93 31.39 7.98 -19.06
CA TYR A 93 30.99 9.16 -19.80
C TYR A 93 31.57 9.13 -21.21
N GLN A 94 30.67 9.19 -22.20
CA GLN A 94 31.05 9.19 -23.60
C GLN A 94 31.99 8.03 -23.96
N ASP A 95 31.87 6.92 -23.24
CA ASP A 95 32.71 5.76 -23.50
C ASP A 95 32.32 5.14 -24.84
N GLU A 96 33.26 4.99 -25.76
N GLU A 96 33.31 4.96 -25.71
CA GLU A 96 32.95 4.41 -27.07
CA GLU A 96 33.10 4.41 -27.04
C GLU A 96 32.45 2.98 -27.03
C GLU A 96 32.50 3.01 -27.04
N THR A 97 32.93 2.18 -26.09
CA THR A 97 32.45 0.81 -25.99
C THR A 97 31.00 0.76 -25.50
N VAL A 98 30.65 1.64 -24.56
CA VAL A 98 29.29 1.67 -24.04
C VAL A 98 28.32 2.23 -25.07
N VAL A 99 28.74 3.27 -25.79
CA VAL A 99 27.91 3.87 -26.81
C VAL A 99 27.57 2.85 -27.89
N ARG A 100 28.56 2.07 -28.29
CA ARG A 100 28.35 1.05 -29.31
C ARG A 100 27.57 -0.13 -28.74
N THR A 101 27.78 -0.44 -27.47
CA THR A 101 27.06 -1.54 -26.84
C THR A 101 25.56 -1.26 -26.82
N VAL A 102 25.18 -0.03 -26.48
CA VAL A 102 23.78 0.34 -26.45
C VAL A 102 23.19 0.31 -27.86
N ARG A 103 23.89 0.91 -28.82
CA ARG A 103 23.42 0.92 -30.19
C ARG A 103 23.30 -0.49 -30.76
N ASP A 104 24.34 -1.30 -30.59
CA ASP A 104 24.32 -2.67 -31.09
C ASP A 104 23.25 -3.51 -30.42
N SER A 105 23.09 -3.33 -29.11
CA SER A 105 22.10 -4.09 -28.36
C SER A 105 20.69 -3.78 -28.82
N MET A 106 20.41 -2.50 -29.07
CA MET A 106 19.09 -2.11 -29.55
C MET A 106 18.81 -2.78 -30.88
N GLU A 107 19.80 -2.74 -31.76
CA GLU A 107 19.68 -3.34 -33.08
C GLU A 107 19.46 -4.85 -32.98
N TRP A 108 20.24 -5.51 -32.14
CA TRP A 108 20.12 -6.96 -31.98
C TRP A 108 18.73 -7.37 -31.50
N MET A 109 18.25 -6.71 -30.45
CA MET A 109 16.93 -7.00 -29.90
C MET A 109 15.85 -6.70 -30.94
N HIS A 110 16.04 -5.61 -31.67
CA HIS A 110 15.10 -5.20 -32.70
C HIS A 110 14.99 -6.25 -33.81
N LYS A 111 16.13 -6.84 -34.17
CA LYS A 111 16.15 -7.85 -35.22
C LYS A 111 15.66 -9.23 -34.81
N HIS A 112 16.00 -9.66 -33.59
CA HIS A 112 15.65 -11.00 -33.16
C HIS A 112 14.73 -11.19 -31.96
N VAL A 113 14.25 -10.12 -31.33
CA VAL A 113 13.41 -10.33 -30.16
C VAL A 113 12.17 -9.43 -30.00
N TYR A 114 12.32 -8.14 -30.24
CA TYR A 114 11.22 -7.21 -30.05
C TYR A 114 11.03 -6.26 -31.25
N ASN A 115 10.03 -6.54 -32.07
CA ASN A 115 9.74 -5.71 -33.23
C ASN A 115 8.27 -5.83 -33.65
N SER A 116 7.85 -4.95 -34.55
CA SER A 116 6.46 -4.92 -35.02
C SER A 116 5.92 -6.23 -35.58
N GLU A 117 6.82 -7.11 -36.01
CA GLU A 117 6.40 -8.40 -36.56
C GLU A 117 6.16 -9.45 -35.50
N LYS A 118 6.44 -9.12 -34.25
CA LYS A 118 6.25 -10.05 -33.15
C LYS A 118 4.86 -9.94 -32.52
N SER A 119 4.52 -10.92 -31.70
CA SER A 119 3.24 -10.94 -31.01
C SER A 119 3.53 -11.15 -29.54
N ILE A 120 2.63 -10.66 -28.69
CA ILE A 120 2.82 -10.80 -27.25
C ILE A 120 2.98 -12.25 -26.81
N VAL A 121 4.13 -12.55 -26.23
CA VAL A 121 4.41 -13.88 -25.72
C VAL A 121 4.71 -13.69 -24.24
N GLY A 122 3.77 -14.13 -23.39
CA GLY A 122 3.95 -13.97 -21.97
C GLY A 122 3.03 -12.89 -21.44
N ASN A 123 3.58 -11.93 -20.72
CA ASN A 123 2.79 -10.85 -20.14
C ASN A 123 2.73 -9.59 -21.01
N TRP A 124 1.52 -9.12 -21.28
CA TRP A 124 1.31 -7.92 -22.09
C TRP A 124 2.00 -6.69 -21.49
N TRP A 125 2.09 -6.64 -20.17
CA TRP A 125 2.69 -5.49 -19.49
C TRP A 125 4.11 -5.18 -19.97
N ASP A 126 4.91 -6.22 -20.18
CA ASP A 126 6.28 -6.03 -20.63
C ASP A 126 6.31 -5.50 -22.06
N TYR A 127 5.40 -6.00 -22.90
CA TYR A 127 5.34 -5.56 -24.29
C TYR A 127 4.78 -4.16 -24.51
N GLU A 128 3.89 -3.74 -23.63
CA GLU A 128 3.24 -2.44 -23.77
C GLU A 128 3.64 -1.36 -22.78
N ILE A 129 4.22 -1.75 -21.66
CA ILE A 129 4.61 -0.75 -20.66
C ILE A 129 6.07 -0.84 -20.24
N GLY A 130 6.45 -1.95 -19.63
CA GLY A 130 7.82 -2.11 -19.18
C GLY A 130 8.89 -1.84 -20.21
N THR A 131 8.86 -2.58 -21.31
CA THR A 131 9.86 -2.42 -22.36
C THR A 131 9.77 -1.08 -23.09
N PRO A 132 8.57 -0.67 -23.53
CA PRO A 132 8.43 0.62 -24.22
C PRO A 132 8.98 1.80 -23.42
N ARG A 133 8.82 1.75 -22.10
CA ARG A 133 9.33 2.83 -21.25
C ARG A 133 10.85 2.79 -21.21
N ALA A 134 11.42 1.60 -21.14
CA ALA A 134 12.87 1.45 -21.10
C ALA A 134 13.50 1.89 -22.42
N ILE A 135 12.82 1.59 -23.53
CA ILE A 135 13.30 1.99 -24.84
C ILE A 135 13.21 3.50 -24.99
N ASN A 136 12.08 4.09 -24.58
CA ASN A 136 11.89 5.53 -24.67
C ASN A 136 12.97 6.30 -23.91
N ASN A 137 13.22 5.88 -22.67
CA ASN A 137 14.21 6.55 -21.83
C ASN A 137 15.62 6.40 -22.39
N THR A 138 15.93 5.21 -22.89
CA THR A 138 17.26 4.97 -23.45
C THR A 138 17.50 5.91 -24.63
N LEU A 139 16.55 5.94 -25.56
CA LEU A 139 16.67 6.79 -26.74
C LEU A 139 16.64 8.28 -26.37
N SER A 140 15.84 8.63 -25.38
CA SER A 140 15.76 10.03 -24.95
C SER A 140 17.09 10.50 -24.37
N LEU A 141 17.67 9.67 -23.50
CA LEU A 141 18.95 10.01 -22.87
C LEU A 141 20.07 10.09 -23.90
N MET A 142 20.10 9.14 -24.83
CA MET A 142 21.13 9.10 -25.85
C MET A 142 20.69 9.57 -27.23
N LYS A 143 19.81 10.57 -27.27
CA LYS A 143 19.33 11.09 -28.54
C LYS A 143 20.41 11.76 -29.39
N GLU A 144 21.53 12.11 -28.78
CA GLU A 144 22.61 12.75 -29.53
C GLU A 144 23.53 11.71 -30.15
N TYR A 145 23.18 10.43 -30.00
CA TYR A 145 23.97 9.34 -30.56
C TYR A 145 23.16 8.51 -31.56
N PHE A 146 21.87 8.80 -31.67
CA PHE A 146 20.98 8.10 -32.59
C PHE A 146 20.41 9.10 -33.59
N SER A 147 20.14 8.63 -34.80
CA SER A 147 19.56 9.50 -35.82
C SER A 147 18.06 9.47 -35.64
N ASP A 148 17.38 10.49 -36.14
CA ASP A 148 15.92 10.53 -36.02
C ASP A 148 15.32 9.31 -36.68
N GLU A 149 16.00 8.80 -37.70
N GLU A 149 16.00 8.79 -37.70
CA GLU A 149 15.51 7.64 -38.42
CA GLU A 149 15.54 7.60 -38.42
C GLU A 149 15.64 6.35 -37.59
C GLU A 149 15.61 6.36 -37.54
N GLU A 150 16.71 6.25 -36.81
CA GLU A 150 16.93 5.09 -35.95
C GLU A 150 15.95 5.12 -34.79
N ILE A 151 15.69 6.32 -34.28
CA ILE A 151 14.76 6.50 -33.17
C ILE A 151 13.35 6.04 -33.57
N LYS A 152 12.91 6.48 -34.75
N LYS A 152 12.91 6.47 -34.75
CA LYS A 152 11.60 6.10 -35.27
CA LYS A 152 11.59 6.07 -35.23
C LYS A 152 11.58 4.59 -35.51
C LYS A 152 11.58 4.57 -35.50
N LYS A 153 12.70 4.05 -35.98
CA LYS A 153 12.82 2.62 -36.26
C LYS A 153 12.64 1.79 -35.00
N TYR A 154 13.32 2.18 -33.94
CA TYR A 154 13.25 1.45 -32.67
C TYR A 154 11.99 1.71 -31.86
N THR A 155 11.19 2.67 -32.28
CA THR A 155 9.94 2.96 -31.57
C THR A 155 8.70 2.51 -32.37
N ASP A 156 8.92 2.00 -33.58
CA ASP A 156 7.81 1.53 -34.41
C ASP A 156 7.08 0.41 -33.67
N VAL A 157 7.86 -0.48 -33.05
CA VAL A 157 7.30 -1.60 -32.30
C VAL A 157 6.35 -1.14 -31.21
N ILE A 158 6.64 0.02 -30.62
CA ILE A 158 5.79 0.57 -29.57
C ILE A 158 4.43 0.95 -30.14
N GLU A 159 4.43 1.48 -31.36
CA GLU A 159 3.19 1.87 -32.02
C GLU A 159 2.39 0.64 -32.44
N LYS A 160 3.08 -0.47 -32.70
CA LYS A 160 2.41 -1.69 -33.10
C LYS A 160 1.67 -2.29 -31.90
N PHE A 161 2.32 -2.29 -30.74
CA PHE A 161 1.70 -2.85 -29.55
C PHE A 161 0.80 -1.87 -28.80
N VAL A 162 1.07 -0.57 -28.93
CA VAL A 162 0.28 0.42 -28.23
C VAL A 162 -0.09 1.60 -29.14
N PRO A 163 -0.96 1.37 -30.13
CA PRO A 163 -1.35 2.44 -31.05
C PRO A 163 -2.48 3.31 -30.51
N ASP A 164 -3.24 2.75 -29.58
CA ASP A 164 -4.39 3.43 -28.99
C ASP A 164 -4.14 3.88 -27.55
N PRO A 165 -4.07 5.20 -27.33
CA PRO A 165 -3.83 5.79 -26.01
C PRO A 165 -4.94 5.57 -24.98
N GLU A 166 -6.06 5.00 -25.41
CA GLU A 166 -7.17 4.75 -24.48
C GLU A 166 -7.29 3.30 -24.05
N HIS A 167 -6.57 2.40 -24.72
CA HIS A 167 -6.64 0.98 -24.37
C HIS A 167 -5.30 0.27 -24.37
N PHE A 168 -5.23 -0.81 -23.61
CA PHE A 168 -4.04 -1.66 -23.52
C PHE A 168 -4.47 -3.04 -24.02
N ARG A 169 -3.51 -3.87 -24.39
CA ARG A 169 -3.77 -5.21 -24.92
C ARG A 169 -4.57 -5.11 -26.22
N LYS A 170 -4.30 -4.06 -26.98
CA LYS A 170 -4.97 -3.80 -28.26
C LYS A 170 -4.76 -4.91 -29.29
N THR A 171 -3.58 -5.53 -29.28
CA THR A 171 -3.27 -6.60 -30.24
C THR A 171 -3.72 -7.98 -29.78
N THR A 172 -4.31 -8.05 -28.59
CA THR A 172 -4.77 -9.33 -28.06
C THR A 172 -6.25 -9.49 -28.36
N ASP A 173 -6.84 -10.58 -27.87
N ASP A 173 -6.83 -10.59 -27.87
CA ASP A 173 -8.25 -10.86 -28.09
CA ASP A 173 -8.24 -10.86 -28.09
C ASP A 173 -9.06 -10.44 -26.87
C ASP A 173 -9.06 -10.44 -26.87
N ASN A 174 -8.51 -9.52 -26.09
CA ASN A 174 -9.18 -9.01 -24.90
C ASN A 174 -8.58 -7.71 -24.38
N PRO A 175 -8.71 -6.63 -25.17
CA PRO A 175 -8.17 -5.31 -24.79
C PRO A 175 -8.93 -4.77 -23.58
N PHE A 176 -8.43 -3.70 -22.98
CA PHE A 176 -9.10 -3.10 -21.83
C PHE A 176 -8.89 -1.60 -21.77
N LYS A 177 -9.87 -0.90 -21.20
CA LYS A 177 -9.83 0.55 -21.05
C LYS A 177 -8.76 0.95 -20.05
N ALA A 178 -7.83 1.81 -20.47
CA ALA A 178 -6.76 2.26 -19.59
C ALA A 178 -7.21 3.34 -18.60
N LEU A 179 -6.98 3.08 -17.33
CA LEU A 179 -7.33 4.01 -16.26
C LEU A 179 -6.27 3.94 -15.15
N GLY A 180 -6.36 4.86 -14.19
CA GLY A 180 -5.44 4.89 -13.07
C GLY A 180 -3.96 4.81 -13.39
N GLY A 181 -3.24 4.01 -12.61
CA GLY A 181 -1.81 3.83 -12.82
C GLY A 181 -1.46 3.47 -14.25
N ASN A 182 -2.18 2.51 -14.81
CA ASN A 182 -1.96 2.08 -16.18
C ASN A 182 -2.09 3.24 -17.15
N LEU A 183 -3.08 4.08 -16.92
CA LEU A 183 -3.30 5.24 -17.79
C LEU A 183 -2.11 6.19 -17.70
N VAL A 184 -1.53 6.30 -16.51
CA VAL A 184 -0.37 7.17 -16.34
C VAL A 184 0.80 6.57 -17.10
N ASP A 185 0.97 5.25 -17.03
CA ASP A 185 2.05 4.60 -17.75
C ASP A 185 1.84 4.77 -19.25
N MET A 186 0.58 4.87 -19.67
CA MET A 186 0.27 5.07 -21.09
C MET A 186 0.91 6.39 -21.53
N GLY A 187 0.98 7.33 -20.60
CA GLY A 187 1.58 8.62 -20.90
C GLY A 187 3.08 8.50 -21.02
N ARG A 188 3.69 7.74 -20.11
CA ARG A 188 5.15 7.56 -20.13
C ARG A 188 5.57 6.71 -21.32
N VAL A 189 4.60 6.13 -22.03
CA VAL A 189 4.88 5.32 -23.19
C VAL A 189 4.65 6.14 -24.47
N LYS A 190 3.41 6.59 -24.67
CA LYS A 190 3.08 7.34 -25.87
C LYS A 190 3.45 8.82 -25.90
N VAL A 191 3.52 9.49 -24.75
CA VAL A 191 3.91 10.91 -24.78
C VAL A 191 5.39 10.99 -25.11
N ILE A 192 6.19 10.15 -24.48
CA ILE A 192 7.63 10.15 -24.73
C ILE A 192 7.91 9.64 -26.15
N ALA A 193 7.23 8.57 -26.54
CA ALA A 193 7.42 8.02 -27.88
C ALA A 193 6.99 9.10 -28.88
N GLY A 194 5.92 9.82 -28.54
CA GLY A 194 5.43 10.86 -29.42
C GLY A 194 6.48 11.94 -29.60
N LEU A 195 7.15 12.29 -28.51
CA LEU A 195 8.20 13.31 -28.56
C LEU A 195 9.39 12.81 -29.37
N LEU A 196 9.76 11.55 -29.16
CA LEU A 196 10.87 10.94 -29.88
C LEU A 196 10.58 10.84 -31.37
N ARG A 197 9.31 10.60 -31.70
CA ARG A 197 8.87 10.45 -33.09
C ARG A 197 8.35 11.76 -33.66
N LYS A 198 8.44 12.83 -32.88
CA LYS A 198 7.97 14.15 -33.30
C LYS A 198 6.56 14.07 -33.89
N ASP A 199 5.69 13.33 -33.21
CA ASP A 199 4.31 13.12 -33.65
C ASP A 199 3.34 13.92 -32.77
N ASP A 200 2.87 15.06 -33.27
CA ASP A 200 1.96 15.90 -32.51
C ASP A 200 0.63 15.23 -32.18
N GLN A 201 0.10 14.44 -33.12
CA GLN A 201 -1.17 13.77 -32.90
C GLN A 201 -1.08 12.73 -31.78
N GLU A 202 0.04 12.03 -31.71
CA GLU A 202 0.22 11.02 -30.66
C GLU A 202 0.33 11.73 -29.31
N ILE A 203 1.03 12.85 -29.31
CA ILE A 203 1.21 13.63 -28.09
C ILE A 203 -0.12 14.18 -27.57
N SER A 204 -0.85 14.87 -28.44
CA SER A 204 -2.13 15.46 -28.08
C SER A 204 -3.18 14.42 -27.65
N SER A 205 -3.39 13.40 -28.48
CA SER A 205 -4.36 12.37 -28.16
C SER A 205 -4.03 11.66 -26.85
N THR A 206 -2.76 11.41 -26.60
CA THR A 206 -2.35 10.74 -25.37
C THR A 206 -2.63 11.61 -24.15
N ILE A 207 -2.27 12.89 -24.24
CA ILE A 207 -2.50 13.81 -23.13
C ILE A 207 -4.00 13.91 -22.85
N ARG A 208 -4.79 13.97 -23.93
CA ARG A 208 -6.23 14.06 -23.79
C ARG A 208 -6.74 12.84 -23.05
N SER A 209 -6.20 11.66 -23.39
CA SER A 209 -6.59 10.42 -22.76
C SER A 209 -6.19 10.45 -21.28
N ILE A 210 -4.98 10.95 -21.02
CA ILE A 210 -4.46 11.03 -19.65
C ILE A 210 -5.35 11.86 -18.72
N GLU A 211 -5.99 12.89 -19.28
CA GLU A 211 -6.85 13.76 -18.48
C GLU A 211 -7.98 13.05 -17.74
N GLN A 212 -8.35 11.86 -18.20
CA GLN A 212 -9.41 11.08 -17.55
C GLN A 212 -9.03 10.76 -16.10
N VAL A 213 -7.73 10.67 -15.85
CA VAL A 213 -7.23 10.32 -14.54
C VAL A 213 -7.63 11.28 -13.42
N PHE A 214 -7.94 12.52 -13.79
CA PHE A 214 -8.30 13.52 -12.79
C PHE A 214 -9.75 13.48 -12.33
N LYS A 215 -10.55 12.61 -12.93
CA LYS A 215 -11.95 12.52 -12.56
C LYS A 215 -12.18 11.50 -11.45
N LEU A 216 -12.85 11.93 -10.38
CA LEU A 216 -13.16 11.03 -9.28
C LEU A 216 -14.32 10.16 -9.75
N VAL A 217 -14.39 8.93 -9.26
CA VAL A 217 -15.45 8.03 -9.67
C VAL A 217 -16.33 7.61 -8.50
N ASP A 218 -17.52 7.09 -8.80
CA ASP A 218 -18.43 6.63 -7.77
C ASP A 218 -18.67 5.14 -7.97
N GLN A 219 -17.94 4.56 -8.90
CA GLN A 219 -18.04 3.13 -9.18
C GLN A 219 -16.85 2.74 -10.07
N GLY A 220 -16.43 1.49 -10.01
CA GLY A 220 -15.32 1.04 -10.82
C GLY A 220 -13.94 1.44 -10.31
N GLU A 221 -12.96 1.38 -11.20
CA GLU A 221 -11.58 1.70 -10.85
C GLU A 221 -11.34 3.20 -10.81
N GLY A 222 -10.46 3.61 -9.89
CA GLY A 222 -10.14 5.02 -9.76
C GLY A 222 -10.21 5.53 -8.34
N PHE A 223 -10.08 6.85 -8.19
CA PHE A 223 -10.12 7.50 -6.90
C PHE A 223 -11.56 7.87 -6.57
N TYR A 224 -11.95 7.70 -5.32
CA TYR A 224 -13.30 8.03 -4.88
C TYR A 224 -13.27 9.25 -3.99
N GLN A 225 -14.43 9.87 -3.83
CA GLN A 225 -14.55 11.05 -2.99
C GLN A 225 -14.08 10.78 -1.56
N ASP A 226 -14.35 9.57 -1.05
CA ASP A 226 -13.96 9.26 0.33
C ASP A 226 -12.48 8.88 0.48
N GLY A 227 -11.74 8.98 -0.61
CA GLY A 227 -10.32 8.68 -0.56
C GLY A 227 -9.92 7.28 -1.01
N SER A 228 -10.89 6.40 -1.16
CA SER A 228 -10.61 5.04 -1.58
C SER A 228 -10.03 5.05 -3.00
N TYR A 229 -9.27 4.02 -3.33
CA TYR A 229 -8.73 3.87 -4.68
C TYR A 229 -8.87 2.41 -5.05
N ILE A 230 -9.60 2.15 -6.14
CA ILE A 230 -9.85 0.80 -6.60
C ILE A 230 -9.15 0.56 -7.93
N ASP A 231 -8.59 -0.64 -8.10
CA ASP A 231 -7.98 -1.02 -9.36
C ASP A 231 -8.29 -2.49 -9.56
N HIS A 232 -8.03 -3.00 -10.76
CA HIS A 232 -8.30 -4.40 -11.06
C HIS A 232 -9.72 -4.77 -10.70
N THR A 233 -10.66 -3.95 -11.19
CA THR A 233 -12.09 -4.15 -10.99
C THR A 233 -12.64 -3.84 -9.62
N ASN A 234 -12.09 -4.47 -8.59
CA ASN A 234 -12.62 -4.27 -7.25
C ASN A 234 -11.62 -4.51 -6.12
N VAL A 235 -10.37 -4.15 -6.37
CA VAL A 235 -9.33 -4.36 -5.35
C VAL A 235 -8.84 -3.05 -4.75
N ALA A 236 -8.78 -2.98 -3.42
CA ALA A 236 -8.27 -1.77 -2.74
C ALA A 236 -6.82 -1.70 -3.19
N TYR A 237 -6.41 -0.60 -3.82
CA TYR A 237 -5.06 -0.56 -4.35
C TYR A 237 -4.29 0.76 -4.31
N THR A 238 -4.68 1.66 -3.42
CA THR A 238 -4.01 2.96 -3.31
C THR A 238 -2.49 2.83 -3.21
N GLY A 239 -2.04 1.85 -2.42
CA GLY A 239 -0.62 1.65 -2.17
C GLY A 239 0.28 0.93 -3.16
N ALA A 240 -0.23 0.64 -4.36
CA ALA A 240 0.60 -0.01 -5.37
C ALA A 240 0.30 0.63 -6.71
N PHE A 241 -0.92 0.46 -7.20
CA PHE A 241 -1.28 1.10 -8.47
C PHE A 241 -1.47 2.59 -8.26
N GLY A 242 -1.88 2.97 -7.05
CA GLY A 242 -2.03 4.38 -6.77
C GLY A 242 -0.63 4.98 -6.79
N ASN A 243 0.34 4.24 -6.26
CA ASN A 243 1.74 4.70 -6.23
C ASN A 243 2.22 5.00 -7.63
N VAL A 244 2.02 4.04 -8.53
CA VAL A 244 2.45 4.17 -9.92
C VAL A 244 1.81 5.41 -10.53
N LEU A 245 0.54 5.64 -10.20
CA LEU A 245 -0.20 6.78 -10.72
C LEU A 245 0.44 8.12 -10.33
N ILE A 246 0.60 8.37 -9.04
CA ILE A 246 1.17 9.64 -8.61
C ILE A 246 2.66 9.76 -8.92
N ASP A 247 3.39 8.65 -8.83
CA ASP A 247 4.82 8.65 -9.10
C ASP A 247 5.07 8.97 -10.58
N GLY A 248 4.38 8.26 -11.46
CA GLY A 248 4.55 8.48 -12.89
C GLY A 248 3.96 9.79 -13.39
N LEU A 249 2.83 10.19 -12.85
CA LEU A 249 2.21 11.44 -13.30
C LEU A 249 3.02 12.66 -12.89
N SER A 250 3.59 12.63 -11.70
CA SER A 250 4.40 13.76 -11.22
C SER A 250 5.65 13.92 -12.07
N GLN A 251 6.10 12.82 -12.70
CA GLN A 251 7.26 12.87 -13.58
C GLN A 251 6.86 13.51 -14.92
N LEU A 252 5.72 13.08 -15.44
CA LEU A 252 5.20 13.55 -16.72
C LEU A 252 4.70 14.99 -16.80
N LEU A 253 4.00 15.44 -15.77
CA LEU A 253 3.44 16.78 -15.77
C LEU A 253 4.34 17.94 -16.20
N PRO A 254 5.57 18.01 -15.67
CA PRO A 254 6.46 19.11 -16.07
C PRO A 254 6.69 19.16 -17.57
N VAL A 255 6.74 17.99 -18.20
CA VAL A 255 6.96 17.91 -19.64
C VAL A 255 5.67 18.23 -20.38
N ILE A 256 4.59 17.55 -19.99
CA ILE A 256 3.28 17.78 -20.60
C ILE A 256 2.87 19.25 -20.59
N GLN A 257 3.09 19.91 -19.45
CA GLN A 257 2.70 21.32 -19.32
C GLN A 257 3.50 22.27 -20.20
N LYS A 258 4.56 21.77 -20.84
CA LYS A 258 5.37 22.60 -21.71
C LYS A 258 5.13 22.29 -23.19
N THR A 259 4.22 21.35 -23.46
CA THR A 259 3.90 20.99 -24.83
C THR A 259 2.82 21.95 -25.31
N LYS A 260 2.33 21.74 -26.53
CA LYS A 260 1.28 22.60 -27.08
C LYS A 260 -0.09 22.15 -26.60
N ASN A 261 -0.11 21.14 -25.73
CA ASN A 261 -1.36 20.62 -25.19
C ASN A 261 -1.33 20.53 -23.67
N PRO A 262 -1.01 21.65 -22.99
CA PRO A 262 -0.98 21.60 -21.53
C PRO A 262 -2.34 21.26 -20.94
N ILE A 263 -2.34 20.72 -19.73
CA ILE A 263 -3.57 20.34 -19.06
C ILE A 263 -4.10 21.49 -18.21
N ASP A 264 -5.41 21.74 -18.30
CA ASP A 264 -6.05 22.81 -17.54
C ASP A 264 -5.72 22.67 -16.05
N LYS A 265 -5.44 23.79 -15.41
N LYS A 265 -5.49 23.79 -15.40
CA LYS A 265 -5.10 23.80 -13.99
CA LYS A 265 -5.16 23.81 -13.99
C LYS A 265 -6.22 23.31 -13.07
C LYS A 265 -6.29 23.27 -13.11
N ASP A 266 -7.46 23.62 -13.43
N ASP A 266 -7.53 23.65 -13.42
CA ASP A 266 -8.59 23.20 -12.62
CA ASP A 266 -8.67 23.19 -12.63
C ASP A 266 -8.83 21.69 -12.71
C ASP A 266 -8.90 21.70 -12.74
N LYS A 267 -8.32 21.08 -13.77
CA LYS A 267 -8.48 19.64 -13.95
C LYS A 267 -7.50 18.90 -13.05
N MET A 268 -6.29 19.44 -12.94
CA MET A 268 -5.25 18.85 -12.11
C MET A 268 -5.48 19.05 -10.62
N GLN A 269 -6.45 19.90 -10.28
CA GLN A 269 -6.76 20.20 -8.90
C GLN A 269 -7.08 18.96 -8.06
N THR A 270 -7.63 17.93 -8.68
CA THR A 270 -7.96 16.72 -7.94
C THR A 270 -6.76 16.01 -7.32
N MET A 271 -5.56 16.26 -7.86
CA MET A 271 -4.36 15.62 -7.31
C MET A 271 -4.20 15.92 -5.83
N TYR A 272 -4.54 17.14 -5.44
CA TYR A 272 -4.42 17.54 -4.05
C TYR A 272 -5.41 16.75 -3.20
N HIS A 273 -6.52 16.35 -3.81
CA HIS A 273 -7.52 15.57 -3.10
C HIS A 273 -6.93 14.18 -2.86
N TRP A 274 -6.22 13.63 -3.85
CA TRP A 274 -5.63 12.32 -3.67
C TRP A 274 -4.63 12.36 -2.53
N ILE A 275 -3.74 13.34 -2.57
CA ILE A 275 -2.71 13.46 -1.56
C ILE A 275 -3.28 13.53 -0.15
N ASP A 276 -4.22 14.45 0.09
CA ASP A 276 -4.78 14.61 1.42
C ASP A 276 -5.79 13.55 1.88
N LYS A 277 -6.64 13.12 0.97
N LYS A 277 -6.65 13.10 0.98
CA LYS A 277 -7.68 12.15 1.27
CA LYS A 277 -7.64 12.10 1.36
C LYS A 277 -7.31 10.68 1.06
C LYS A 277 -7.26 10.64 1.10
N SER A 278 -6.50 10.39 0.04
CA SER A 278 -6.13 9.02 -0.28
C SER A 278 -4.79 8.51 0.23
N PHE A 279 -3.73 9.28 0.01
CA PHE A 279 -2.39 8.85 0.39
C PHE A 279 -1.94 9.16 1.80
N ALA A 280 -2.10 10.40 2.24
CA ALA A 280 -1.67 10.81 3.56
C ALA A 280 -2.09 9.90 4.72
N PRO A 281 -3.38 9.50 4.76
CA PRO A 281 -3.82 8.64 5.86
C PRO A 281 -3.13 7.30 5.93
N LEU A 282 -2.67 6.78 4.78
CA LEU A 282 -2.02 5.48 4.72
C LEU A 282 -0.53 5.51 5.06
N LEU A 283 -0.03 6.69 5.40
CA LEU A 283 1.39 6.84 5.74
C LEU A 283 1.57 7.05 7.24
N VAL A 284 2.21 6.09 7.90
CA VAL A 284 2.44 6.18 9.34
C VAL A 284 3.92 5.96 9.63
N ASN A 285 4.57 6.97 10.20
CA ASN A 285 5.99 6.92 10.53
C ASN A 285 6.83 6.49 9.32
N GLY A 286 6.47 6.99 8.15
CA GLY A 286 7.22 6.67 6.94
C GLY A 286 6.86 5.37 6.25
N GLU A 287 5.86 4.67 6.77
CA GLU A 287 5.42 3.39 6.23
C GLU A 287 4.07 3.48 5.52
N LEU A 288 3.99 2.90 4.32
CA LEU A 288 2.73 2.90 3.56
C LEU A 288 2.00 1.61 3.96
N MET A 289 0.82 1.76 4.56
CA MET A 289 0.06 0.61 5.04
C MET A 289 -0.13 -0.51 4.02
N ASP A 290 0.36 -1.70 4.38
CA ASP A 290 0.28 -2.88 3.52
C ASP A 290 -1.12 -3.26 3.05
N MET A 291 -2.14 -2.94 3.84
CA MET A 291 -3.50 -3.31 3.44
C MET A 291 -3.94 -2.58 2.17
N SER A 292 -3.16 -1.61 1.73
CA SER A 292 -3.48 -0.86 0.51
C SER A 292 -2.56 -1.23 -0.65
N ARG A 293 -1.62 -2.15 -0.41
CA ARG A 293 -0.64 -2.49 -1.43
C ARG A 293 -0.87 -3.74 -2.26
N GLY A 294 -2.02 -4.37 -2.09
CA GLY A 294 -2.32 -5.56 -2.87
C GLY A 294 -1.24 -6.62 -2.83
N ARG A 295 -0.94 -7.21 -3.99
CA ARG A 295 0.07 -8.26 -4.07
C ARG A 295 1.51 -7.81 -3.92
N SER A 296 1.74 -6.50 -3.91
CA SER A 296 3.09 -5.97 -3.76
C SER A 296 3.72 -6.27 -2.41
N ILE A 297 2.92 -6.68 -1.44
CA ILE A 297 3.43 -6.99 -0.13
C ILE A 297 4.35 -8.22 -0.18
N SER A 298 4.23 -9.00 -1.26
CA SER A 298 5.03 -10.21 -1.42
C SER A 298 6.37 -9.97 -2.11
N ARG A 299 6.75 -8.70 -2.27
CA ARG A 299 8.01 -8.36 -2.92
C ARG A 299 9.01 -7.90 -1.86
N ALA A 300 10.14 -8.61 -1.76
CA ALA A 300 11.15 -8.30 -0.76
C ALA A 300 11.74 -6.91 -0.87
N ASN A 301 11.86 -6.38 -2.09
CA ASN A 301 12.44 -5.06 -2.30
C ASN A 301 11.42 -3.94 -2.19
N SER A 302 10.19 -4.27 -1.80
CA SER A 302 9.13 -3.28 -1.70
C SER A 302 8.36 -3.30 -0.39
N GLU A 303 9.06 -3.43 0.73
CA GLU A 303 8.37 -3.43 2.01
C GLU A 303 7.81 -2.04 2.27
N GLY A 304 6.94 -1.94 3.26
CA GLY A 304 6.24 -0.69 3.59
C GLY A 304 6.93 0.66 3.50
N HIS A 305 8.11 0.78 4.09
CA HIS A 305 8.83 2.05 4.07
C HIS A 305 9.40 2.37 2.70
N VAL A 306 9.76 1.33 1.94
CA VAL A 306 10.30 1.52 0.60
C VAL A 306 9.17 2.01 -0.31
N ALA A 307 8.04 1.32 -0.28
CA ALA A 307 6.89 1.69 -1.10
C ALA A 307 6.44 3.11 -0.82
N ALA A 308 6.50 3.51 0.45
CA ALA A 308 6.09 4.86 0.84
C ALA A 308 6.86 5.93 0.08
N VAL A 309 8.13 5.67 -0.21
CA VAL A 309 8.93 6.66 -0.92
C VAL A 309 8.39 6.93 -2.32
N GLU A 310 7.80 5.91 -2.95
CA GLU A 310 7.23 6.13 -4.28
C GLU A 310 6.19 7.22 -4.18
N VAL A 311 5.41 7.19 -3.11
CA VAL A 311 4.37 8.18 -2.91
C VAL A 311 4.97 9.52 -2.52
N LEU A 312 5.87 9.49 -1.53
CA LEU A 312 6.50 10.72 -1.08
C LEU A 312 7.23 11.49 -2.18
N ARG A 313 7.99 10.79 -3.02
CA ARG A 313 8.70 11.51 -4.09
C ARG A 313 7.72 12.09 -5.09
N GLY A 314 6.58 11.43 -5.25
CA GLY A 314 5.56 11.94 -6.16
C GLY A 314 4.98 13.22 -5.58
N ILE A 315 4.68 13.19 -4.29
CA ILE A 315 4.12 14.35 -3.62
C ILE A 315 5.11 15.51 -3.67
N HIS A 316 6.38 15.22 -3.44
CA HIS A 316 7.38 16.27 -3.45
C HIS A 316 7.50 16.95 -4.81
N ARG A 317 7.39 16.18 -5.88
CA ARG A 317 7.47 16.74 -7.22
C ARG A 317 6.27 17.64 -7.44
N ILE A 318 5.10 17.21 -6.98
CA ILE A 318 3.90 18.00 -7.14
C ILE A 318 4.04 19.31 -6.36
N ALA A 319 4.64 19.23 -5.18
CA ALA A 319 4.85 20.42 -4.37
C ALA A 319 5.76 21.38 -5.15
N ASP A 320 6.77 20.82 -5.80
CA ASP A 320 7.72 21.62 -6.56
C ASP A 320 7.08 22.35 -7.75
N MET A 321 6.02 21.77 -8.31
CA MET A 321 5.36 22.42 -9.44
C MET A 321 4.17 23.25 -8.98
N SER A 322 3.95 23.29 -7.67
CA SER A 322 2.86 24.05 -7.09
C SER A 322 3.38 25.42 -6.66
N GLU A 323 2.53 26.23 -6.04
CA GLU A 323 2.95 27.57 -5.63
C GLU A 323 2.34 27.99 -4.29
N GLY A 324 2.97 28.98 -3.67
CA GLY A 324 2.49 29.50 -2.41
C GLY A 324 2.20 28.51 -1.30
N GLU A 325 1.09 28.74 -0.61
CA GLU A 325 0.64 27.91 0.49
C GLU A 325 0.54 26.44 0.11
N THR A 326 0.03 26.17 -1.09
CA THR A 326 -0.10 24.79 -1.56
C THR A 326 1.26 24.11 -1.55
N LYS A 327 2.26 24.79 -2.13
CA LYS A 327 3.61 24.25 -2.18
C LYS A 327 4.15 24.09 -0.77
N GLN A 328 3.99 25.13 0.04
CA GLN A 328 4.47 25.11 1.42
C GLN A 328 3.93 23.95 2.23
N ARG A 329 2.61 23.75 2.21
CA ARG A 329 2.01 22.67 2.99
C ARG A 329 2.42 21.29 2.51
N LEU A 330 2.53 21.10 1.20
CA LEU A 330 2.93 19.79 0.68
C LEU A 330 4.37 19.51 1.07
N GLN A 331 5.20 20.54 1.07
CA GLN A 331 6.60 20.38 1.48
C GLN A 331 6.64 19.93 2.94
N SER A 332 5.80 20.56 3.76
CA SER A 332 5.74 20.25 5.19
C SER A 332 5.25 18.83 5.43
N LEU A 333 4.30 18.38 4.61
CA LEU A 333 3.78 17.02 4.73
C LEU A 333 4.89 16.02 4.46
N VAL A 334 5.62 16.21 3.37
CA VAL A 334 6.71 15.31 3.04
C VAL A 334 7.78 15.35 4.12
N LYS A 335 8.12 16.57 4.55
CA LYS A 335 9.15 16.74 5.56
C LYS A 335 8.86 16.05 6.89
N THR A 336 7.67 16.25 7.43
CA THR A 336 7.34 15.63 8.71
C THR A 336 7.28 14.11 8.59
N ILE A 337 6.79 13.59 7.48
CA ILE A 337 6.71 12.15 7.32
C ILE A 337 8.12 11.54 7.29
N VAL A 338 8.98 12.10 6.46
CA VAL A 338 10.35 11.60 6.33
C VAL A 338 11.10 11.70 7.66
N GLN A 339 10.97 12.84 8.35
CA GLN A 339 11.66 13.01 9.62
C GLN A 339 11.12 12.15 10.75
N SER A 340 9.91 11.63 10.59
CA SER A 340 9.32 10.77 11.61
C SER A 340 9.81 9.34 11.42
N ASP A 341 10.41 9.06 10.27
CA ASP A 341 10.89 7.72 9.98
C ASP A 341 12.33 7.48 10.44
N SER A 342 12.48 6.85 11.60
CA SER A 342 13.80 6.58 12.16
C SER A 342 14.33 5.21 11.74
N TYR A 343 13.54 4.49 10.96
CA TYR A 343 13.92 3.15 10.52
C TYR A 343 14.47 3.05 9.11
N TYR A 344 13.83 3.75 8.17
CA TYR A 344 14.23 3.70 6.77
C TYR A 344 14.80 5.03 6.25
N ASP A 345 15.92 4.93 5.54
CA ASP A 345 16.58 6.10 4.95
C ASP A 345 15.88 6.41 3.62
N VAL A 346 15.12 7.51 3.59
CA VAL A 346 14.37 7.88 2.39
C VAL A 346 15.21 7.89 1.11
N PHE A 347 16.48 8.28 1.22
CA PHE A 347 17.34 8.34 0.05
C PHE A 347 17.56 7.00 -0.65
N LYS A 348 17.36 5.90 0.09
CA LYS A 348 17.53 4.57 -0.49
C LYS A 348 16.53 4.32 -1.62
N ASN A 349 15.47 5.13 -1.70
CA ASN A 349 14.53 4.97 -2.79
C ASN A 349 14.26 6.25 -3.58
N LEU A 350 15.26 7.13 -3.62
CA LEU A 350 15.19 8.35 -4.41
C LEU A 350 16.24 8.00 -5.46
N LYS A 351 15.74 7.58 -6.62
CA LYS A 351 16.59 7.10 -7.71
C LYS A 351 17.00 8.01 -8.87
N THR A 352 16.92 9.32 -8.69
CA THR A 352 17.36 10.27 -9.72
C THR A 352 17.98 11.44 -8.95
N TYR A 353 18.89 12.17 -9.58
CA TYR A 353 19.53 13.28 -8.88
C TYR A 353 18.61 14.43 -8.51
N LYS A 354 17.60 14.71 -9.34
CA LYS A 354 16.67 15.79 -9.02
C LYS A 354 15.85 15.43 -7.79
N ASP A 355 15.45 14.16 -7.67
CA ASP A 355 14.67 13.73 -6.52
C ASP A 355 15.52 13.83 -5.25
N ILE A 356 16.79 13.46 -5.35
CA ILE A 356 17.70 13.54 -4.22
C ILE A 356 17.86 15.01 -3.83
N SER A 357 18.10 15.86 -4.83
CA SER A 357 18.28 17.29 -4.60
C SER A 357 17.06 17.94 -3.94
N LEU A 358 15.87 17.64 -4.45
CA LEU A 358 14.64 18.19 -3.89
C LEU A 358 14.49 17.82 -2.42
N MET A 359 14.74 16.55 -2.10
CA MET A 359 14.60 16.10 -0.72
C MET A 359 15.61 16.76 0.21
N GLN A 360 16.83 16.94 -0.26
CA GLN A 360 17.86 17.57 0.57
C GLN A 360 17.51 19.03 0.87
N SER A 361 17.03 19.77 -0.13
CA SER A 361 16.67 21.16 0.08
C SER A 361 15.51 21.26 1.07
N LEU A 362 14.51 20.38 0.89
CA LEU A 362 13.35 20.35 1.76
C LEU A 362 13.75 20.11 3.21
N LEU A 363 14.56 19.09 3.43
CA LEU A 363 14.99 18.75 4.79
C LEU A 363 15.84 19.82 5.47
N SER A 364 16.61 20.58 4.70
CA SER A 364 17.47 21.60 5.28
C SER A 364 16.87 23.00 5.30
N ASP A 365 15.72 23.17 4.68
CA ASP A 365 15.08 24.48 4.63
C ASP A 365 14.31 24.76 5.93
N ALA A 366 14.84 25.64 6.77
CA ALA A 366 14.19 25.97 8.03
C ALA A 366 12.84 26.65 7.81
N GLY A 367 12.64 27.18 6.60
CA GLY A 367 11.39 27.85 6.29
C GLY A 367 10.24 26.87 6.13
N VAL A 368 10.57 25.59 5.97
CA VAL A 368 9.55 24.57 5.81
C VAL A 368 9.30 23.89 7.15
N ALA A 369 8.09 24.07 7.66
CA ALA A 369 7.70 23.51 8.95
C ALA A 369 7.65 21.98 8.94
N SER A 370 8.10 21.40 10.04
CA SER A 370 8.08 19.95 10.22
C SER A 370 7.52 19.73 11.62
N VAL A 371 6.20 19.59 11.68
CA VAL A 371 5.48 19.41 12.94
C VAL A 371 4.81 18.02 12.93
N PRO A 372 4.90 17.28 14.04
CA PRO A 372 4.26 15.95 14.08
C PRO A 372 2.81 16.03 13.60
N ARG A 373 2.40 15.10 12.74
N ARG A 373 2.41 15.10 12.74
CA ARG A 373 1.04 15.11 12.22
CA ARG A 373 1.04 15.11 12.24
C ARG A 373 0.01 14.88 13.32
C ARG A 373 0.01 14.87 13.33
N THR A 374 -1.14 15.52 13.18
CA THR A 374 -2.20 15.40 14.16
C THR A 374 -2.99 14.11 13.97
N SER A 375 -3.87 13.80 14.92
CA SER A 375 -4.67 12.58 14.87
C SER A 375 -5.68 12.61 13.73
N TYR A 376 -6.00 11.44 13.20
CA TYR A 376 -6.97 11.35 12.11
C TYR A 376 -7.55 9.94 12.05
N LEU A 377 -8.66 9.82 11.34
CA LEU A 377 -9.30 8.53 11.17
C LEU A 377 -10.03 8.60 9.84
N SER A 378 -9.59 7.77 8.89
CA SER A 378 -10.20 7.74 7.57
C SER A 378 -10.99 6.46 7.35
N ALA A 379 -12.28 6.61 7.05
CA ALA A 379 -13.14 5.48 6.79
C ALA A 379 -13.23 5.35 5.27
N PHE A 380 -12.38 4.50 4.68
CA PHE A 380 -12.38 4.30 3.24
C PHE A 380 -13.43 3.25 2.92
N ASN A 381 -14.70 3.61 3.08
CA ASN A 381 -15.77 2.68 2.85
C ASN A 381 -15.87 2.13 1.43
N LYS A 382 -15.48 2.92 0.44
N LYS A 382 -15.47 2.92 0.44
CA LYS A 382 -15.56 2.47 -0.95
CA LYS A 382 -15.55 2.49 -0.95
C LYS A 382 -14.52 1.40 -1.28
C LYS A 382 -14.52 1.40 -1.28
N MET A 383 -13.62 1.11 -0.34
CA MET A 383 -12.64 0.05 -0.55
C MET A 383 -12.52 -0.85 0.69
N ASP A 384 -13.46 -0.66 1.60
CA ASP A 384 -13.56 -1.43 2.83
C ASP A 384 -12.31 -1.50 3.71
N LYS A 385 -11.63 -0.37 3.85
CA LYS A 385 -10.45 -0.28 4.71
C LYS A 385 -10.66 0.92 5.64
N THR A 386 -10.01 0.90 6.80
CA THR A 386 -10.12 2.02 7.73
C THR A 386 -8.74 2.26 8.32
N ALA A 387 -8.32 3.53 8.34
CA ALA A 387 -7.01 3.91 8.85
C ALA A 387 -7.16 4.89 10.00
N MET A 388 -6.50 4.60 11.11
CA MET A 388 -6.58 5.43 12.31
C MET A 388 -5.21 5.78 12.83
N TYR A 389 -5.05 7.01 13.32
CA TYR A 389 -3.78 7.45 13.87
C TYR A 389 -4.00 8.36 15.07
N ASN A 390 -3.33 8.04 16.16
CA ASN A 390 -3.42 8.81 17.40
C ASN A 390 -2.07 9.51 17.60
N ALA A 391 -2.05 10.83 17.47
CA ALA A 391 -0.84 11.62 17.60
C ALA A 391 -0.37 11.81 19.04
N GLU A 392 -1.32 11.83 19.97
CA GLU A 392 -1.00 12.02 21.39
C GLU A 392 -0.20 10.83 21.93
N LYS A 393 -0.64 9.63 21.59
CA LYS A 393 -0.01 8.40 22.03
C LYS A 393 1.01 7.83 21.04
N GLY A 394 0.86 8.19 19.77
CA GLY A 394 1.80 7.73 18.76
C GLY A 394 1.63 6.36 18.16
N PHE A 395 0.41 5.96 17.82
CA PHE A 395 0.23 4.66 17.19
C PHE A 395 -0.78 4.76 16.06
N GLY A 396 -0.65 3.86 15.09
CA GLY A 396 -1.55 3.83 13.96
C GLY A 396 -2.27 2.50 14.03
N PHE A 397 -3.43 2.43 13.37
CA PHE A 397 -4.24 1.23 13.36
C PHE A 397 -4.87 1.11 12.00
N GLY A 398 -4.72 -0.07 11.38
CA GLY A 398 -5.32 -0.29 10.08
C GLY A 398 -6.26 -1.47 10.13
N LEU A 399 -7.47 -1.31 9.60
CA LEU A 399 -8.46 -2.39 9.60
C LEU A 399 -8.71 -2.80 8.16
N SER A 400 -8.34 -4.03 7.83
CA SER A 400 -8.47 -4.57 6.47
C SER A 400 -9.65 -5.52 6.29
N LEU A 401 -10.65 -5.07 5.55
CA LEU A 401 -11.84 -5.86 5.30
C LEU A 401 -12.11 -5.97 3.80
N PHE A 402 -13.22 -6.61 3.45
CA PHE A 402 -13.70 -6.72 2.08
C PHE A 402 -15.18 -7.02 2.20
N SER A 403 -15.90 -6.94 1.09
CA SER A 403 -17.34 -7.16 1.12
C SER A 403 -17.77 -7.66 -0.25
N SER A 404 -19.07 -7.60 -0.51
CA SER A 404 -19.59 -8.03 -1.81
C SER A 404 -19.07 -7.06 -2.89
N ARG A 405 -18.57 -5.92 -2.46
CA ARG A 405 -18.07 -4.89 -3.37
C ARG A 405 -16.57 -4.97 -3.67
N THR A 406 -15.83 -5.75 -2.88
CA THR A 406 -14.38 -5.84 -3.05
C THR A 406 -13.81 -7.24 -2.92
N LEU A 407 -12.68 -7.47 -3.59
CA LEU A 407 -11.99 -8.75 -3.55
C LEU A 407 -11.18 -8.81 -2.26
N ASN A 408 -11.11 -9.98 -1.62
CA ASN A 408 -10.34 -10.06 -0.38
C ASN A 408 -8.83 -9.88 -0.59
N TYR A 409 -8.23 -10.67 -1.48
CA TYR A 409 -6.79 -10.52 -1.72
C TYR A 409 -6.46 -10.79 -3.17
N GLU A 410 -5.35 -10.24 -3.64
CA GLU A 410 -4.96 -10.46 -5.03
C GLU A 410 -3.74 -11.36 -5.16
N HIS A 411 -3.94 -12.47 -5.85
CA HIS A 411 -2.88 -13.42 -6.14
C HIS A 411 -2.88 -13.51 -7.65
N MET A 412 -1.86 -12.93 -8.28
N MET A 412 -1.85 -12.95 -8.27
CA MET A 412 -1.75 -13.00 -9.74
CA MET A 412 -1.75 -12.95 -9.73
C MET A 412 -0.29 -12.80 -10.13
C MET A 412 -0.29 -12.79 -10.12
N ASN A 413 0.07 -13.31 -11.29
CA ASN A 413 1.44 -13.23 -11.78
C ASN A 413 2.35 -13.95 -10.80
N LYS A 414 1.78 -14.94 -10.13
CA LYS A 414 2.50 -15.77 -9.17
C LYS A 414 2.94 -15.03 -7.91
N GLU A 415 2.28 -13.92 -7.61
CA GLU A 415 2.61 -13.11 -6.44
C GLU A 415 1.52 -13.16 -5.38
N ASN A 416 1.92 -13.12 -4.12
CA ASN A 416 1.01 -13.13 -2.98
C ASN A 416 0.18 -14.41 -2.91
N LYS A 417 0.87 -15.54 -3.00
CA LYS A 417 0.23 -16.86 -2.97
C LYS A 417 -0.46 -17.23 -1.67
N ARG A 418 -0.12 -16.56 -0.57
CA ARG A 418 -0.73 -16.90 0.71
C ARG A 418 -1.38 -15.75 1.47
N GLY A 419 -1.94 -14.79 0.72
CA GLY A 419 -2.60 -13.66 1.35
C GLY A 419 -4.08 -13.93 1.60
N TRP A 420 -4.44 -15.22 1.59
CA TRP A 420 -5.81 -15.69 1.78
C TRP A 420 -6.66 -14.93 2.79
N TYR A 421 -6.10 -14.67 3.96
CA TYR A 421 -6.86 -14.05 5.03
C TYR A 421 -6.49 -12.62 5.39
N THR A 422 -5.74 -11.95 4.53
CA THR A 422 -5.31 -10.59 4.80
C THR A 422 -6.41 -9.52 4.82
N SER A 423 -7.65 -9.91 4.51
CA SER A 423 -8.76 -8.95 4.56
C SER A 423 -9.96 -9.54 5.31
N ASP A 424 -9.72 -10.63 6.05
CA ASP A 424 -10.78 -11.29 6.81
C ASP A 424 -10.88 -10.65 8.19
N GLY A 425 -10.88 -9.33 8.21
CA GLY A 425 -10.95 -8.64 9.49
C GLY A 425 -9.56 -8.60 10.09
N MET A 426 -8.54 -8.53 9.24
CA MET A 426 -7.17 -8.45 9.71
C MET A 426 -6.90 -7.03 10.18
N PHE A 427 -6.12 -6.89 11.24
CA PHE A 427 -5.79 -5.55 11.73
C PHE A 427 -4.28 -5.38 11.76
N TYR A 428 -3.86 -4.12 11.68
CA TYR A 428 -2.46 -3.75 11.74
C TYR A 428 -2.30 -2.75 12.88
N LEU A 429 -1.19 -2.87 13.61
CA LEU A 429 -0.89 -1.92 14.68
C LEU A 429 0.48 -1.35 14.32
N TYR A 430 0.54 -0.02 14.22
CA TYR A 430 1.79 0.66 13.90
C TYR A 430 2.25 1.37 15.15
N ASN A 431 3.31 0.84 15.75
CA ASN A 431 3.82 1.43 16.98
C ASN A 431 5.29 1.81 16.88
N GLY A 432 5.95 1.86 18.04
CA GLY A 432 7.35 2.23 18.10
C GLY A 432 8.29 1.37 17.25
N ASP A 433 7.86 0.18 16.90
CA ASP A 433 8.68 -0.71 16.07
C ASP A 433 8.31 -0.48 14.61
N LEU A 434 8.95 0.52 14.02
CA LEU A 434 8.70 0.87 12.62
C LEU A 434 9.03 -0.27 11.67
N SER A 435 9.84 -1.22 12.13
CA SER A 435 10.24 -2.34 11.27
C SER A 435 9.33 -3.56 11.34
N HIS A 436 8.29 -3.50 12.17
CA HIS A 436 7.42 -4.65 12.35
C HIS A 436 6.94 -5.40 11.11
N TYR A 437 6.40 -4.70 10.13
CA TYR A 437 5.91 -5.36 8.92
C TYR A 437 6.99 -5.47 7.86
N SER A 438 8.22 -5.17 8.24
CA SER A 438 9.35 -5.23 7.33
C SER A 438 10.36 -6.29 7.79
N ASP A 439 11.56 -6.24 7.22
CA ASP A 439 12.59 -7.21 7.57
C ASP A 439 12.09 -8.66 7.45
N GLY A 440 11.36 -8.95 6.39
CA GLY A 440 10.89 -10.31 6.17
C GLY A 440 9.62 -10.75 6.87
N TYR A 441 8.79 -9.81 7.28
CA TYR A 441 7.54 -10.15 7.94
C TYR A 441 6.66 -11.03 7.04
N TRP A 442 6.44 -10.60 5.81
CA TRP A 442 5.55 -11.35 4.93
C TRP A 442 5.89 -12.80 4.59
N PRO A 443 7.18 -13.14 4.44
CA PRO A 443 7.47 -14.54 4.13
C PRO A 443 7.61 -15.42 5.38
N THR A 444 7.61 -14.80 6.56
CA THR A 444 7.76 -15.56 7.80
C THR A 444 6.50 -15.62 8.66
N VAL A 445 5.57 -14.70 8.42
CA VAL A 445 4.33 -14.70 9.18
C VAL A 445 3.54 -15.96 8.80
N ASN A 446 2.88 -16.57 9.78
CA ASN A 446 2.08 -17.78 9.53
C ASN A 446 0.81 -17.28 8.84
N PRO A 447 0.66 -17.58 7.54
CA PRO A 447 -0.52 -17.14 6.77
C PRO A 447 -1.88 -17.66 7.24
N TYR A 448 -1.87 -18.70 8.07
CA TYR A 448 -3.11 -19.28 8.58
C TYR A 448 -3.61 -18.58 9.84
N LYS A 449 -2.78 -17.69 10.40
CA LYS A 449 -3.16 -16.97 11.61
C LYS A 449 -2.96 -15.47 11.50
N MET A 450 -3.48 -14.86 10.46
CA MET A 450 -3.34 -13.41 10.32
C MET A 450 -4.05 -12.75 11.50
N PRO A 451 -3.42 -11.76 12.14
N PRO A 451 -3.42 -11.75 12.13
CA PRO A 451 -3.97 -11.05 13.29
CA PRO A 451 -3.96 -11.02 13.28
C PRO A 451 -5.37 -10.47 13.13
C PRO A 451 -5.38 -10.49 13.12
N GLY A 452 -6.24 -10.84 14.07
CA GLY A 452 -7.62 -10.38 14.06
C GLY A 452 -8.60 -11.30 13.37
N THR A 453 -8.11 -12.21 12.55
CA THR A 453 -8.99 -13.09 11.79
C THR A 453 -9.52 -14.32 12.52
N THR A 454 -10.74 -14.70 12.14
CA THR A 454 -11.41 -15.87 12.70
C THR A 454 -11.46 -16.83 11.51
N GLU A 455 -10.81 -17.99 11.65
CA GLU A 455 -10.74 -18.97 10.57
C GLU A 455 -10.72 -20.41 11.09
N THR A 456 -10.98 -21.36 10.19
CA THR A 456 -10.90 -22.76 10.57
C THR A 456 -9.47 -23.13 10.16
N ASP A 457 -8.97 -24.28 10.61
CA ASP A 457 -7.60 -24.65 10.28
C ASP A 457 -7.43 -25.52 9.04
N ALA A 458 -8.36 -25.41 8.10
CA ALA A 458 -8.28 -26.20 6.87
C ALA A 458 -7.09 -25.73 6.04
N LYS A 459 -6.45 -26.66 5.34
CA LYS A 459 -5.32 -26.32 4.49
C LYS A 459 -5.80 -25.49 3.30
N ARG A 460 -4.98 -24.56 2.86
CA ARG A 460 -5.33 -23.72 1.72
C ARG A 460 -4.32 -23.93 0.61
N ALA A 461 -4.78 -23.80 -0.64
CA ALA A 461 -3.92 -23.97 -1.80
C ALA A 461 -3.29 -22.67 -2.28
N ASP A 462 -2.01 -22.69 -2.59
CA ASP A 462 -1.33 -21.50 -3.09
C ASP A 462 -1.96 -21.06 -4.41
N SER A 463 -2.53 -22.02 -5.13
CA SER A 463 -3.15 -21.75 -6.42
C SER A 463 -4.50 -21.03 -6.37
N ASP A 464 -5.06 -20.89 -5.17
CA ASP A 464 -6.33 -20.21 -5.03
C ASP A 464 -6.22 -18.74 -5.40
N THR A 465 -7.36 -18.12 -5.72
CA THR A 465 -7.38 -16.71 -6.04
C THR A 465 -8.47 -16.04 -5.18
N GLY A 466 -8.46 -14.72 -5.16
CA GLY A 466 -9.42 -13.97 -4.35
C GLY A 466 -10.89 -14.17 -4.65
N LYS A 467 -11.72 -13.76 -3.70
CA LYS A 467 -13.17 -13.86 -3.79
C LYS A 467 -13.81 -12.63 -3.15
N VAL A 468 -15.07 -12.35 -3.49
CA VAL A 468 -15.77 -11.26 -2.87
C VAL A 468 -16.55 -11.89 -1.71
N LEU A 469 -17.04 -11.07 -0.79
CA LEU A 469 -17.79 -11.55 0.35
C LEU A 469 -19.27 -11.66 -0.03
N PRO A 470 -19.98 -12.66 0.49
CA PRO A 470 -21.40 -12.78 0.15
C PRO A 470 -22.20 -11.57 0.62
N SER A 471 -21.82 -11.01 1.76
CA SER A 471 -22.54 -9.89 2.33
C SER A 471 -22.02 -8.49 2.00
N ALA A 472 -22.95 -7.53 2.00
CA ALA A 472 -22.61 -6.14 1.74
C ALA A 472 -22.60 -5.39 3.08
N PHE A 473 -22.91 -6.11 4.16
CA PHE A 473 -22.94 -5.51 5.50
C PHE A 473 -21.54 -5.44 6.09
N VAL A 474 -20.75 -4.55 5.52
CA VAL A 474 -19.36 -4.33 5.92
C VAL A 474 -19.13 -2.84 5.81
N GLY A 475 -18.69 -2.19 6.88
CA GLY A 475 -18.47 -0.76 6.80
C GLY A 475 -18.15 -0.07 8.10
N THR A 476 -17.74 1.19 7.99
CA THR A 476 -17.36 1.99 9.13
C THR A 476 -18.14 3.28 9.26
N SER A 477 -18.59 3.56 10.49
CA SER A 477 -19.30 4.80 10.78
C SER A 477 -18.33 5.63 11.61
N LYS A 478 -17.90 6.76 11.06
CA LYS A 478 -16.95 7.63 11.75
C LYS A 478 -17.64 8.82 12.42
N LEU A 479 -17.33 9.05 13.69
CA LEU A 479 -17.90 10.19 14.42
C LEU A 479 -16.97 11.38 14.28
N ASP A 480 -15.70 11.18 14.61
CA ASP A 480 -14.72 12.27 14.51
C ASP A 480 -13.33 11.71 14.19
N ASP A 481 -12.29 12.52 14.37
CA ASP A 481 -10.92 12.09 14.07
C ASP A 481 -10.37 11.01 15.00
N ALA A 482 -11.09 10.69 16.07
CA ALA A 482 -10.59 9.70 17.02
C ALA A 482 -11.53 8.53 17.32
N ASN A 483 -12.79 8.64 16.89
CA ASN A 483 -13.77 7.61 17.19
C ASN A 483 -14.56 7.13 15.97
N ALA A 484 -14.64 5.81 15.82
CA ALA A 484 -15.40 5.20 14.73
C ALA A 484 -15.75 3.77 15.10
N THR A 485 -16.72 3.20 14.40
CA THR A 485 -17.15 1.84 14.65
C THR A 485 -17.27 1.13 13.32
N ALA A 486 -16.89 -0.14 13.27
CA ALA A 486 -16.95 -0.90 12.03
C ALA A 486 -17.47 -2.30 12.27
N THR A 487 -17.99 -2.93 11.23
CA THR A 487 -18.47 -4.30 11.35
C THR A 487 -18.28 -5.02 10.04
N MET A 488 -18.25 -6.34 10.11
CA MET A 488 -18.10 -7.19 8.95
C MET A 488 -18.94 -8.44 9.17
N ASP A 489 -19.94 -8.64 8.34
CA ASP A 489 -20.81 -9.81 8.40
C ASP A 489 -20.03 -10.91 7.69
N PHE A 490 -19.07 -11.47 8.43
CA PHE A 490 -18.14 -12.47 7.93
C PHE A 490 -18.57 -13.92 7.71
N THR A 491 -18.14 -14.45 6.56
CA THR A 491 -18.37 -15.84 6.18
C THR A 491 -17.01 -16.21 5.60
N ASN A 492 -16.46 -17.35 5.98
CA ASN A 492 -15.14 -17.72 5.47
C ASN A 492 -15.18 -18.19 4.00
N TRP A 493 -14.01 -18.43 3.45
CA TRP A 493 -13.84 -18.81 2.05
C TRP A 493 -14.67 -19.95 1.47
N ASN A 494 -14.98 -20.95 2.29
CA ASN A 494 -15.76 -22.09 1.81
C ASN A 494 -17.13 -22.22 2.47
N GLN A 495 -17.61 -21.13 3.03
CA GLN A 495 -18.90 -21.09 3.70
C GLN A 495 -19.07 -22.19 4.75
N THR A 496 -18.11 -22.29 5.67
CA THR A 496 -18.21 -23.28 6.74
C THR A 496 -18.16 -22.58 8.09
N LEU A 497 -17.85 -21.29 8.08
CA LEU A 497 -17.78 -20.52 9.32
C LEU A 497 -18.30 -19.10 9.15
N THR A 498 -18.99 -18.61 10.18
CA THR A 498 -19.53 -17.26 10.17
C THR A 498 -19.15 -16.58 11.48
N ALA A 499 -19.28 -15.26 11.50
CA ALA A 499 -18.98 -14.48 12.69
C ALA A 499 -19.32 -13.04 12.44
N HIS A 500 -19.99 -12.41 13.41
CA HIS A 500 -20.31 -10.99 13.32
C HIS A 500 -19.10 -10.33 13.98
N LYS A 501 -18.18 -9.83 13.16
CA LYS A 501 -16.98 -9.20 13.69
C LYS A 501 -17.16 -7.70 13.69
N SER A 502 -16.88 -7.07 14.83
CA SER A 502 -17.03 -5.63 14.93
C SER A 502 -15.83 -5.01 15.63
N TRP A 503 -15.59 -3.74 15.34
CA TRP A 503 -14.46 -3.02 15.94
C TRP A 503 -14.92 -1.68 16.46
N PHE A 504 -14.40 -1.29 17.62
CA PHE A 504 -14.80 -0.04 18.22
C PHE A 504 -13.56 0.79 18.50
N MET A 505 -13.28 1.71 17.59
CA MET A 505 -12.12 2.59 17.68
C MET A 505 -12.51 3.73 18.62
N LEU A 506 -11.88 3.74 19.78
CA LEU A 506 -12.18 4.72 20.81
C LEU A 506 -10.98 5.53 21.25
N LYS A 507 -10.46 6.31 20.31
CA LYS A 507 -9.32 7.20 20.50
C LYS A 507 -7.96 6.60 20.81
N ASP A 508 -7.83 5.96 21.97
CA ASP A 508 -6.54 5.39 22.38
C ASP A 508 -6.58 3.89 22.58
N LYS A 509 -7.54 3.24 21.94
CA LYS A 509 -7.72 1.81 22.09
C LYS A 509 -8.76 1.37 21.06
N ILE A 510 -8.78 0.06 20.79
CA ILE A 510 -9.75 -0.50 19.84
C ILE A 510 -10.34 -1.75 20.47
N ALA A 511 -11.67 -1.83 20.53
CA ALA A 511 -12.31 -3.01 21.07
C ALA A 511 -12.63 -3.94 19.91
N PHE A 512 -12.36 -5.22 20.12
CA PHE A 512 -12.63 -6.25 19.13
C PHE A 512 -13.75 -7.13 19.66
N LEU A 513 -14.89 -7.15 18.99
CA LEU A 513 -16.00 -8.00 19.42
C LEU A 513 -16.42 -8.95 18.31
N GLY A 514 -16.64 -10.21 18.67
CA GLY A 514 -17.08 -11.19 17.70
C GLY A 514 -18.21 -12.00 18.29
N SER A 515 -19.27 -12.22 17.52
CA SER A 515 -20.40 -12.99 18.02
C SER A 515 -20.99 -13.86 16.92
N ASN A 516 -21.91 -14.74 17.30
CA ASN A 516 -22.56 -15.62 16.33
C ASN A 516 -21.54 -16.47 15.58
N ILE A 517 -20.49 -16.90 16.28
CA ILE A 517 -19.47 -17.72 15.63
C ILE A 517 -19.99 -19.14 15.47
N GLN A 518 -20.08 -19.59 14.22
CA GLN A 518 -20.58 -20.91 13.92
C GLN A 518 -19.66 -21.64 12.97
N ASN A 519 -19.60 -22.96 13.10
CA ASN A 519 -18.72 -23.78 12.27
C ASN A 519 -19.43 -25.08 11.87
N THR A 520 -19.60 -25.28 10.56
CA THR A 520 -20.26 -26.49 10.06
C THR A 520 -19.27 -27.52 9.53
N SER A 521 -17.97 -27.26 9.69
CA SER A 521 -16.95 -28.19 9.22
C SER A 521 -16.36 -29.03 10.35
N THR A 522 -15.43 -29.91 10.00
CA THR A 522 -14.77 -30.76 10.98
C THR A 522 -13.40 -30.18 11.33
N ASP A 523 -13.14 -28.98 10.83
CA ASP A 523 -11.89 -28.30 11.10
C ASP A 523 -12.08 -27.46 12.36
N THR A 524 -11.00 -27.19 13.08
CA THR A 524 -11.08 -26.40 14.29
C THR A 524 -11.14 -24.91 13.96
N ALA A 525 -11.93 -24.16 14.72
CA ALA A 525 -12.05 -22.72 14.49
C ALA A 525 -11.43 -21.94 15.64
N ALA A 526 -10.82 -20.81 15.30
CA ALA A 526 -10.18 -19.97 16.30
C ALA A 526 -9.99 -18.56 15.75
N THR A 527 -9.81 -17.61 16.64
CA THR A 527 -9.57 -16.23 16.24
C THR A 527 -8.15 -15.91 16.68
N THR A 528 -7.37 -15.35 15.78
CA THR A 528 -6.00 -14.97 16.12
C THR A 528 -6.08 -13.56 16.71
N ILE A 529 -5.80 -13.45 18.00
CA ILE A 529 -5.84 -12.17 18.69
C ILE A 529 -4.66 -11.35 18.20
N ASP A 530 -3.53 -12.00 17.97
CA ASP A 530 -2.37 -11.30 17.46
C ASP A 530 -1.29 -12.30 17.05
N GLN A 531 -0.41 -11.84 16.17
CA GLN A 531 0.75 -12.60 15.71
C GLN A 531 1.71 -11.44 15.46
N ARG A 532 2.45 -11.10 16.50
CA ARG A 532 3.37 -9.96 16.47
C ARG A 532 4.82 -10.37 16.23
N LYS A 533 5.46 -9.73 15.26
CA LYS A 533 6.85 -10.00 14.94
C LYS A 533 7.72 -9.29 15.98
N LEU A 534 8.63 -10.05 16.59
CA LEU A 534 9.47 -9.50 17.64
C LEU A 534 10.84 -8.98 17.18
N GLU A 535 11.46 -8.20 18.05
CA GLU A 535 12.78 -7.63 17.83
C GLU A 535 13.72 -8.27 18.85
N SER A 536 14.81 -8.86 18.38
CA SER A 536 15.75 -9.50 19.29
C SER A 536 16.36 -8.47 20.24
N SER A 537 16.48 -7.23 19.79
N SER A 537 16.47 -7.23 19.77
CA SER A 537 17.05 -6.17 20.60
CA SER A 537 17.05 -6.17 20.59
C SER A 537 16.10 -5.66 21.68
C SER A 537 16.11 -5.68 21.69
N ASN A 538 14.81 -5.69 21.41
CA ASN A 538 13.82 -5.24 22.39
C ASN A 538 12.85 -6.35 22.78
N PRO A 539 13.30 -7.25 23.67
CA PRO A 539 12.45 -8.36 24.12
C PRO A 539 11.27 -7.92 24.96
N TYR A 540 10.17 -8.66 24.83
CA TYR A 540 8.96 -8.39 25.59
C TYR A 540 8.91 -9.25 26.83
N LYS A 541 8.38 -8.67 27.91
CA LYS A 541 8.19 -9.41 29.14
C LYS A 541 6.67 -9.60 29.10
N VAL A 542 6.23 -10.85 29.11
CA VAL A 542 4.81 -11.14 29.01
C VAL A 542 4.11 -11.37 30.35
N TYR A 543 2.95 -10.74 30.50
CA TYR A 543 2.14 -10.88 31.71
C TYR A 543 0.74 -11.37 31.37
N VAL A 544 0.25 -12.32 32.16
CA VAL A 544 -1.09 -12.85 32.01
C VAL A 544 -1.71 -12.57 33.36
N ASN A 545 -2.81 -11.82 33.37
CA ASN A 545 -3.48 -11.45 34.61
C ASN A 545 -2.47 -10.76 35.53
N ASP A 546 -1.59 -9.97 34.90
CA ASP A 546 -0.55 -9.20 35.58
C ASP A 546 0.53 -10.04 36.28
N LYS A 547 0.67 -11.29 35.86
CA LYS A 547 1.68 -12.16 36.44
C LYS A 547 2.59 -12.59 35.29
N GLU A 548 3.89 -12.40 35.45
CA GLU A 548 4.83 -12.77 34.40
C GLU A 548 4.64 -14.20 33.93
N ALA A 549 4.66 -14.40 32.63
CA ALA A 549 4.48 -15.72 32.03
C ALA A 549 5.66 -15.99 31.13
N SER A 550 6.04 -17.26 31.01
CA SER A 550 7.16 -17.64 30.16
C SER A 550 6.62 -18.41 28.97
N LEU A 551 6.66 -17.78 27.80
N LEU A 551 6.65 -17.77 27.80
CA LEU A 551 6.17 -18.40 26.58
CA LEU A 551 6.16 -18.40 26.59
C LEU A 551 7.23 -19.29 25.95
C LEU A 551 7.23 -19.30 25.96
N THR A 552 6.77 -20.35 25.29
CA THR A 552 7.67 -21.29 24.65
C THR A 552 7.21 -21.51 23.21
N GLU A 553 8.02 -22.22 22.44
CA GLU A 553 7.67 -22.51 21.05
C GLU A 553 6.37 -23.30 21.07
N GLN A 554 6.22 -24.15 22.08
CA GLN A 554 5.04 -24.97 22.22
C GLN A 554 3.91 -24.14 22.83
N GLU A 555 2.74 -24.24 22.20
CA GLU A 555 1.56 -23.50 22.61
C GLU A 555 1.10 -23.82 24.04
N LYS A 556 0.90 -22.78 24.84
CA LYS A 556 0.45 -22.93 26.22
C LYS A 556 -0.95 -22.34 26.37
N ASP A 557 -1.82 -23.03 27.10
CA ASP A 557 -3.18 -22.54 27.30
C ASP A 557 -3.28 -21.73 28.58
N TYR A 558 -4.08 -20.67 28.53
CA TYR A 558 -4.29 -19.81 29.68
C TYR A 558 -5.78 -19.61 29.87
N PRO A 559 -6.43 -20.49 30.67
CA PRO A 559 -7.86 -20.35 30.91
C PRO A 559 -8.15 -19.23 31.91
N GLU A 560 -9.35 -18.68 31.86
CA GLU A 560 -9.74 -17.61 32.77
C GLU A 560 -8.83 -16.39 32.68
N THR A 561 -8.44 -16.03 31.46
CA THR A 561 -7.56 -14.88 31.25
C THR A 561 -8.36 -13.58 31.20
N GLN A 562 -7.95 -12.62 32.02
CA GLN A 562 -8.62 -11.32 32.07
C GLN A 562 -7.80 -10.32 31.27
N SER A 563 -6.49 -10.56 31.21
CA SER A 563 -5.61 -9.66 30.48
C SER A 563 -4.27 -10.28 30.12
N VAL A 564 -3.66 -9.69 29.11
CA VAL A 564 -2.34 -10.07 28.64
C VAL A 564 -1.63 -8.75 28.40
N PHE A 565 -0.39 -8.63 28.86
CA PHE A 565 0.36 -7.41 28.64
C PHE A 565 1.76 -7.71 28.14
N LEU A 566 2.12 -7.06 27.02
CA LEU A 566 3.43 -7.24 26.42
C LEU A 566 4.23 -5.98 26.80
N GLU A 567 5.21 -6.18 27.67
CA GLU A 567 6.02 -5.07 28.18
C GLU A 567 7.40 -4.92 27.55
N SER A 568 7.63 -3.75 26.97
CA SER A 568 8.90 -3.43 26.33
C SER A 568 9.61 -2.37 27.19
N SER A 569 10.87 -2.12 26.89
CA SER A 569 11.62 -1.10 27.62
C SER A 569 11.14 0.27 27.09
N ASP A 570 10.50 0.24 25.92
CA ASP A 570 9.97 1.45 25.30
C ASP A 570 8.45 1.35 25.38
N SER A 571 7.84 2.25 26.16
CA SER A 571 6.39 2.21 26.31
C SER A 571 5.64 2.33 24.99
N LYS A 572 6.28 2.94 23.99
CA LYS A 572 5.65 3.10 22.69
C LYS A 572 5.58 1.80 21.90
N LYS A 573 6.01 0.70 22.52
CA LYS A 573 5.95 -0.61 21.88
C LYS A 573 5.07 -1.56 22.69
N ASN A 574 4.59 -1.07 23.83
CA ASN A 574 3.75 -1.89 24.69
C ASN A 574 2.40 -2.21 24.08
N ILE A 575 1.94 -3.43 24.31
CA ILE A 575 0.63 -3.85 23.80
C ILE A 575 -0.11 -4.61 24.88
N GLY A 576 -1.30 -4.13 25.20
CA GLY A 576 -2.10 -4.80 26.21
C GLY A 576 -3.42 -5.25 25.64
N TYR A 577 -3.92 -6.37 26.15
N TYR A 577 -3.92 -6.38 26.16
CA TYR A 577 -5.20 -6.93 25.71
CA TYR A 577 -5.20 -6.93 25.75
C TYR A 577 -6.06 -7.18 26.96
C TYR A 577 -6.04 -7.17 26.99
N PHE A 578 -7.21 -6.54 27.02
CA PHE A 578 -8.12 -6.68 28.15
C PHE A 578 -9.36 -7.42 27.68
N PHE A 579 -9.60 -8.59 28.27
CA PHE A 579 -10.79 -9.37 27.92
C PHE A 579 -11.94 -8.97 28.85
N PHE A 580 -12.99 -8.41 28.26
CA PHE A 580 -14.16 -7.95 29.00
C PHE A 580 -14.67 -9.03 29.93
N LYS A 581 -14.65 -10.26 29.45
CA LYS A 581 -15.06 -11.41 30.25
C LYS A 581 -13.90 -12.39 30.16
N LYS A 582 -13.52 -12.98 31.29
CA LYS A 582 -12.42 -13.93 31.31
C LYS A 582 -12.55 -14.91 30.16
N SER A 583 -11.48 -15.05 29.39
CA SER A 583 -11.49 -15.93 28.23
C SER A 583 -10.39 -16.97 28.26
N SER A 584 -10.60 -18.04 27.51
CA SER A 584 -9.63 -19.11 27.41
C SER A 584 -8.81 -18.90 26.15
N ILE A 585 -7.53 -18.57 26.32
CA ILE A 585 -6.66 -18.33 25.18
C ILE A 585 -5.40 -19.18 25.26
N SER A 586 -4.62 -19.17 24.19
CA SER A 586 -3.37 -19.91 24.15
C SER A 586 -2.34 -18.98 23.53
N MET A 587 -1.08 -19.12 23.96
CA MET A 587 -0.01 -18.27 23.44
C MET A 587 1.26 -19.06 23.23
N SER A 588 2.10 -18.55 22.34
CA SER A 588 3.38 -19.18 22.04
C SER A 588 4.33 -18.14 21.45
N LYS A 589 5.62 -18.39 21.58
CA LYS A 589 6.64 -17.51 21.03
C LYS A 589 7.53 -18.47 20.27
N ALA A 590 7.64 -18.29 18.96
CA ALA A 590 8.44 -19.20 18.18
C ALA A 590 9.08 -18.62 16.94
N LEU A 591 10.21 -19.20 16.56
N LEU A 591 10.22 -19.20 16.56
CA LEU A 591 10.93 -18.77 15.37
CA LEU A 591 10.93 -18.76 15.36
C LEU A 591 10.22 -19.35 14.16
C LEU A 591 10.21 -19.35 14.16
N GLN A 592 9.88 -18.50 13.21
CA GLN A 592 9.20 -18.95 12.00
C GLN A 592 10.09 -18.64 10.81
N LYS A 593 10.31 -19.66 9.98
CA LYS A 593 11.17 -19.53 8.81
C LYS A 593 10.39 -19.60 7.52
N GLY A 594 10.95 -19.00 6.47
CA GLY A 594 10.30 -19.02 5.18
C GLY A 594 11.11 -18.22 4.17
N ALA A 595 10.72 -18.31 2.91
CA ALA A 595 11.43 -17.57 1.86
C ALA A 595 10.42 -16.74 1.08
N TRP A 596 10.87 -15.61 0.54
CA TRP A 596 9.99 -14.78 -0.25
C TRP A 596 9.44 -15.56 -1.43
N LYS A 597 10.20 -16.52 -1.92
CA LYS A 597 9.75 -17.32 -3.05
C LYS A 597 8.50 -18.14 -2.70
N ASP A 598 8.34 -18.47 -1.42
CA ASP A 598 7.16 -19.24 -0.99
C ASP A 598 5.87 -18.49 -1.31
N ILE A 599 5.91 -17.16 -1.21
CA ILE A 599 4.73 -16.35 -1.46
C ILE A 599 4.76 -15.57 -2.77
N ASN A 600 5.89 -15.63 -3.47
CA ASN A 600 6.05 -14.93 -4.74
C ASN A 600 7.08 -15.68 -5.57
N GLU A 601 6.61 -16.39 -6.60
CA GLU A 601 7.49 -17.19 -7.47
C GLU A 601 8.76 -16.51 -7.96
N GLY A 602 8.67 -15.22 -8.28
CA GLY A 602 9.82 -14.50 -8.79
C GLY A 602 10.81 -13.99 -7.76
N GLN A 603 10.58 -14.31 -6.49
CA GLN A 603 11.46 -13.84 -5.42
C GLN A 603 12.52 -14.88 -5.00
N SER A 604 13.44 -14.45 -4.15
CA SER A 604 14.53 -15.30 -3.67
C SER A 604 14.09 -16.46 -2.79
N ASP A 605 14.72 -17.61 -2.98
CA ASP A 605 14.40 -18.80 -2.18
C ASP A 605 15.24 -18.82 -0.91
N LYS A 606 16.00 -17.75 -0.69
CA LYS A 606 16.86 -17.60 0.47
C LYS A 606 16.00 -17.68 1.74
N GLU A 607 16.39 -18.53 2.69
CA GLU A 607 15.63 -18.67 3.93
C GLU A 607 15.70 -17.42 4.80
N VAL A 608 14.53 -17.01 5.29
CA VAL A 608 14.40 -15.85 6.17
C VAL A 608 13.78 -16.38 7.46
N GLU A 609 14.05 -15.71 8.58
N GLU A 609 14.06 -15.72 8.58
CA GLU A 609 13.48 -16.14 9.84
CA GLU A 609 13.52 -16.15 9.86
C GLU A 609 13.19 -14.96 10.75
C GLU A 609 13.23 -14.98 10.80
N ASN A 610 12.14 -15.10 11.54
CA ASN A 610 11.73 -14.07 12.49
C ASN A 610 10.98 -14.75 13.62
N GLU A 611 11.02 -14.15 14.79
CA GLU A 611 10.32 -14.73 15.94
C GLU A 611 8.98 -13.99 16.08
N PHE A 612 7.93 -14.76 16.31
CA PHE A 612 6.57 -14.20 16.45
C PHE A 612 5.91 -14.65 17.75
N LEU A 613 5.10 -13.78 18.32
CA LEU A 613 4.35 -14.09 19.54
C LEU A 613 2.91 -14.23 19.05
N THR A 614 2.34 -15.42 19.19
CA THR A 614 0.99 -15.66 18.73
C THR A 614 0.02 -15.86 19.89
N ILE A 615 -1.13 -15.20 19.79
CA ILE A 615 -2.18 -15.26 20.80
C ILE A 615 -3.46 -15.67 20.07
N SER A 616 -4.10 -16.75 20.52
CA SER A 616 -5.31 -17.23 19.87
C SER A 616 -6.41 -17.63 20.85
N GLN A 617 -7.64 -17.64 20.36
CA GLN A 617 -8.79 -18.04 21.17
C GLN A 617 -9.61 -19.05 20.37
N ALA A 618 -9.66 -20.28 20.85
CA ALA A 618 -10.41 -21.32 20.15
C ALA A 618 -11.93 -21.15 20.34
N HIS A 619 -12.69 -21.54 19.32
CA HIS A 619 -14.14 -21.46 19.34
C HIS A 619 -14.65 -22.87 19.06
N LYS A 620 -14.87 -23.63 20.12
CA LYS A 620 -15.31 -25.02 19.98
C LYS A 620 -16.81 -25.26 19.92
N GLN A 621 -17.61 -24.19 20.06
CA GLN A 621 -19.06 -24.38 20.01
C GLN A 621 -19.77 -23.32 19.16
N ASN A 622 -20.93 -23.69 18.62
CA ASN A 622 -21.69 -22.75 17.83
C ASN A 622 -22.25 -21.70 18.76
N ARG A 623 -22.26 -20.45 18.31
CA ARG A 623 -22.76 -19.38 19.14
C ARG A 623 -21.65 -18.79 20.00
N ASP A 624 -20.42 -19.18 19.73
CA ASP A 624 -19.29 -18.66 20.50
C ASP A 624 -19.05 -17.19 20.17
N SER A 625 -18.19 -16.56 20.96
CA SER A 625 -17.88 -15.15 20.77
C SER A 625 -16.53 -14.81 21.41
N TYR A 626 -16.05 -13.59 21.12
CA TYR A 626 -14.81 -13.11 21.70
C TYR A 626 -15.03 -11.64 21.98
N GLY A 627 -14.29 -11.09 22.93
CA GLY A 627 -14.44 -9.68 23.25
C GLY A 627 -13.26 -9.20 24.04
N TYR A 628 -12.51 -8.26 23.47
CA TYR A 628 -11.34 -7.74 24.17
C TYR A 628 -10.97 -6.36 23.65
N MET A 629 -10.24 -5.63 24.47
CA MET A 629 -9.81 -4.27 24.13
C MET A 629 -8.30 -4.23 23.91
N LEU A 630 -7.89 -3.74 22.75
CA LEU A 630 -6.46 -3.61 22.44
C LEU A 630 -6.03 -2.22 22.91
N ILE A 631 -5.10 -2.17 23.86
CA ILE A 631 -4.64 -0.90 24.41
C ILE A 631 -3.12 -0.77 24.23
N PRO A 632 -2.70 0.01 23.23
CA PRO A 632 -1.26 0.14 23.02
C PRO A 632 -0.65 1.39 23.63
N ASN A 633 0.68 1.39 23.66
CA ASN A 633 1.48 2.52 24.10
C ASN A 633 1.32 3.10 25.51
N VAL A 634 1.00 2.26 26.48
CA VAL A 634 0.90 2.70 27.88
C VAL A 634 1.73 1.74 28.70
N ASP A 635 2.26 2.19 29.84
CA ASP A 635 3.05 1.27 30.65
C ASP A 635 2.14 0.35 31.45
N ARG A 636 2.74 -0.64 32.09
CA ARG A 636 2.02 -1.64 32.86
C ARG A 636 1.05 -1.12 33.90
N ALA A 637 1.50 -0.19 34.75
CA ALA A 637 0.63 0.36 35.78
C ALA A 637 -0.56 1.09 35.16
N THR A 638 -0.30 1.83 34.09
CA THR A 638 -1.34 2.56 33.41
C THR A 638 -2.34 1.61 32.74
N PHE A 639 -1.84 0.51 32.17
CA PHE A 639 -2.71 -0.48 31.54
C PHE A 639 -3.62 -1.08 32.61
N ASN A 640 -3.03 -1.43 33.76
CA ASN A 640 -3.82 -2.02 34.85
C ASN A 640 -4.91 -1.09 35.34
N GLN A 641 -4.61 0.21 35.36
N GLN A 641 -4.62 0.21 35.35
CA GLN A 641 -5.56 1.22 35.81
CA GLN A 641 -5.59 1.21 35.80
C GLN A 641 -6.68 1.40 34.78
C GLN A 641 -6.71 1.35 34.78
N MET A 642 -6.32 1.36 33.50
CA MET A 642 -7.29 1.51 32.43
C MET A 642 -8.30 0.37 32.36
N ILE A 643 -7.86 -0.86 32.59
CA ILE A 643 -8.79 -1.97 32.53
C ILE A 643 -9.81 -1.91 33.66
N LYS A 644 -9.45 -1.27 34.77
CA LYS A 644 -10.41 -1.14 35.85
C LYS A 644 -11.45 -0.10 35.45
N GLU A 645 -11.02 0.92 34.72
CA GLU A 645 -11.95 1.96 34.27
C GLU A 645 -12.91 1.35 33.24
N LEU A 646 -12.42 0.36 32.50
CA LEU A 646 -13.21 -0.29 31.46
C LEU A 646 -13.94 -1.54 31.90
N GLU A 647 -13.94 -1.79 33.20
CA GLU A 647 -14.60 -2.96 33.76
C GLU A 647 -15.98 -3.23 33.21
N SER A 648 -16.78 -2.18 33.00
CA SER A 648 -18.12 -2.36 32.48
C SER A 648 -18.34 -1.69 31.13
N SER A 649 -17.28 -1.61 30.34
CA SER A 649 -17.38 -0.98 29.03
C SER A 649 -18.17 -1.79 28.01
N LEU A 650 -18.20 -3.11 28.18
CA LEU A 650 -18.95 -3.95 27.24
C LEU A 650 -20.44 -3.83 27.52
N ILE A 651 -21.18 -3.25 26.57
CA ILE A 651 -22.61 -3.09 26.72
C ILE A 651 -23.35 -4.35 26.28
N GLU A 652 -22.93 -4.91 25.16
CA GLU A 652 -23.54 -6.12 24.64
C GLU A 652 -22.69 -6.74 23.54
N ASN A 653 -22.79 -8.06 23.38
CA ASN A 653 -22.06 -8.78 22.36
C ASN A 653 -22.78 -10.07 22.01
N ASN A 654 -23.90 -9.95 21.29
CA ASN A 654 -24.65 -11.12 20.90
C ASN A 654 -24.91 -11.11 19.39
N GLU A 655 -25.76 -12.01 18.92
CA GLU A 655 -26.06 -12.15 17.51
C GLU A 655 -26.79 -11.02 16.80
N THR A 656 -27.29 -10.04 17.55
CA THR A 656 -28.01 -8.93 16.91
C THR A 656 -27.49 -7.57 17.34
N LEU A 657 -26.80 -7.54 18.47
CA LEU A 657 -26.29 -6.27 19.01
C LEU A 657 -24.90 -6.36 19.63
N GLN A 658 -24.04 -5.43 19.26
CA GLN A 658 -22.68 -5.36 19.81
C GLN A 658 -22.41 -3.90 20.10
N SER A 659 -21.97 -3.60 21.32
CA SER A 659 -21.72 -2.23 21.69
C SER A 659 -20.73 -2.12 22.84
N VAL A 660 -19.89 -1.09 22.76
CA VAL A 660 -18.90 -0.81 23.79
C VAL A 660 -19.05 0.67 24.17
N TYR A 661 -18.90 0.96 25.45
CA TYR A 661 -19.04 2.32 25.96
C TYR A 661 -17.76 2.82 26.61
N ASP A 662 -17.34 4.02 26.21
CA ASP A 662 -16.15 4.67 26.74
C ASP A 662 -16.68 5.75 27.68
N ALA A 663 -16.77 5.45 28.97
CA ALA A 663 -17.29 6.40 29.95
C ALA A 663 -16.49 7.69 30.07
N LYS A 664 -15.17 7.59 29.92
CA LYS A 664 -14.31 8.76 30.03
C LYS A 664 -14.61 9.76 28.92
N GLN A 665 -14.85 9.25 27.72
CA GLN A 665 -15.16 10.11 26.57
C GLN A 665 -16.64 10.41 26.43
N GLY A 666 -17.48 9.51 26.95
CA GLY A 666 -18.91 9.68 26.80
C GLY A 666 -19.24 9.28 25.37
N VAL A 667 -18.59 8.21 24.90
CA VAL A 667 -18.79 7.73 23.53
C VAL A 667 -19.22 6.27 23.48
N TRP A 668 -20.19 6.00 22.61
CA TRP A 668 -20.71 4.64 22.40
C TRP A 668 -20.43 4.21 20.96
N GLY A 669 -20.05 2.94 20.81
CA GLY A 669 -19.84 2.35 19.50
C GLY A 669 -20.94 1.31 19.47
N ILE A 670 -21.74 1.25 18.40
CA ILE A 670 -22.83 0.28 18.34
C ILE A 670 -23.05 -0.33 16.96
N VAL A 671 -23.23 -1.65 16.91
CA VAL A 671 -23.51 -2.32 15.65
C VAL A 671 -24.81 -3.11 15.82
N LYS A 672 -25.79 -2.83 14.98
CA LYS A 672 -27.08 -3.53 15.03
C LYS A 672 -27.28 -4.34 13.76
N TYR A 673 -27.58 -5.63 13.92
CA TYR A 673 -27.80 -6.48 12.78
C TYR A 673 -29.27 -6.59 12.37
N ASP A 674 -30.17 -6.00 13.17
CA ASP A 674 -31.59 -6.00 12.81
C ASP A 674 -32.25 -4.70 13.23
N ASP A 675 -33.52 -4.52 12.87
CA ASP A 675 -34.23 -3.28 13.17
C ASP A 675 -35.02 -3.26 14.48
N SER A 676 -34.62 -4.06 15.45
CA SER A 676 -35.31 -4.07 16.73
C SER A 676 -34.95 -2.80 17.48
N VAL A 677 -35.74 -2.46 18.49
CA VAL A 677 -35.47 -1.26 19.27
C VAL A 677 -34.43 -1.63 20.33
N SER A 678 -33.27 -0.99 20.26
CA SER A 678 -32.21 -1.26 21.23
C SER A 678 -32.03 -0.10 22.19
N THR A 679 -32.23 -0.37 23.47
CA THR A 679 -32.08 0.66 24.49
C THR A 679 -30.65 0.55 25.00
N ILE A 680 -29.91 1.66 24.93
CA ILE A 680 -28.51 1.67 25.35
C ILE A 680 -28.27 2.46 26.62
N SER A 681 -27.65 1.81 27.60
CA SER A 681 -27.32 2.43 28.87
C SER A 681 -28.47 3.20 29.51
N ASN A 682 -29.70 2.76 29.26
CA ASN A 682 -30.87 3.41 29.81
C ASN A 682 -30.83 4.93 29.54
N GLN A 683 -30.27 5.31 28.40
CA GLN A 683 -30.17 6.72 28.06
C GLN A 683 -30.79 7.05 26.70
N PHE A 684 -30.64 6.14 25.75
CA PHE A 684 -31.21 6.35 24.42
C PHE A 684 -31.49 5.05 23.71
N GLN A 685 -32.13 5.16 22.55
CA GLN A 685 -32.46 3.99 21.76
C GLN A 685 -31.99 4.15 20.31
N VAL A 686 -31.50 3.05 19.73
CA VAL A 686 -31.06 3.05 18.34
C VAL A 686 -32.04 2.08 17.68
N LEU A 687 -32.58 2.49 16.54
CA LEU A 687 -33.64 1.74 15.88
C LEU A 687 -33.41 1.01 14.56
N LYS A 688 -32.25 1.13 13.95
CA LYS A 688 -32.05 0.46 12.67
C LYS A 688 -30.76 -0.31 12.48
N ARG A 689 -30.85 -1.36 11.68
CA ARG A 689 -29.70 -2.19 11.35
C ARG A 689 -28.65 -1.23 10.82
N GLY A 690 -27.41 -1.39 11.26
CA GLY A 690 -26.36 -0.50 10.79
C GLY A 690 -25.27 -0.28 11.83
N VAL A 691 -24.41 0.70 11.59
CA VAL A 691 -23.29 1.01 12.46
C VAL A 691 -23.38 2.42 13.04
N TYR A 692 -23.16 2.54 14.36
CA TYR A 692 -23.25 3.82 15.04
C TYR A 692 -22.04 4.18 15.90
N THR A 693 -21.79 5.47 16.00
CA THR A 693 -20.76 5.99 16.90
C THR A 693 -21.46 7.23 17.44
N ILE A 694 -21.71 7.23 18.74
CA ILE A 694 -22.44 8.32 19.38
C ILE A 694 -21.70 8.94 20.56
N ARG A 695 -21.80 10.26 20.67
N ARG A 695 -21.78 10.26 20.68
CA ARG A 695 -21.14 11.00 21.76
CA ARG A 695 -21.14 10.97 21.79
C ARG A 695 -22.15 11.85 22.51
C ARG A 695 -22.15 11.84 22.51
N LYS A 696 -22.11 11.78 23.84
CA LYS A 696 -23.01 12.57 24.67
C LYS A 696 -22.21 13.75 25.21
N GLU A 697 -22.74 14.94 24.99
CA GLU A 697 -22.11 16.17 25.46
C GLU A 697 -23.24 16.91 26.16
N GLY A 698 -23.25 16.54 27.45
N GLY A 698 -23.22 17.02 27.48
CA GLY A 698 -24.21 16.98 28.43
CA GLY A 698 -24.26 17.80 28.14
C GLY A 698 -25.47 16.21 28.09
C GLY A 698 -25.62 17.89 27.43
N ASP A 699 -26.48 17.01 27.89
CA ASP A 699 -27.84 16.69 27.49
C ASP A 699 -27.94 16.48 25.97
N GLU A 700 -26.84 16.77 25.26
CA GLU A 700 -26.79 16.64 23.80
C GLU A 700 -26.20 15.33 23.34
N TYR A 701 -26.59 14.91 22.14
CA TYR A 701 -26.11 13.67 21.54
C TYR A 701 -25.67 13.85 20.09
N LYS A 702 -24.40 13.59 19.82
N LYS A 702 -24.40 13.59 19.82
CA LYS A 702 -23.87 13.69 18.47
CA LYS A 702 -23.88 13.70 18.45
C LYS A 702 -23.94 12.29 17.86
C LYS A 702 -23.94 12.31 17.86
N ILE A 703 -24.59 12.17 16.71
CA ILE A 703 -24.75 10.88 16.08
C ILE A 703 -24.09 10.70 14.72
N ALA A 704 -23.47 9.53 14.56
CA ALA A 704 -22.82 9.15 13.31
C ALA A 704 -23.36 7.77 12.97
N TYR A 705 -24.29 7.71 12.02
CA TYR A 705 -24.89 6.45 11.61
C TYR A 705 -24.53 6.12 10.16
N TYR A 706 -24.30 4.84 9.90
CA TYR A 706 -23.97 4.37 8.56
C TYR A 706 -24.60 3.02 8.27
N ASN A 707 -25.29 2.94 7.14
CA ASN A 707 -25.91 1.70 6.69
C ASN A 707 -24.92 1.21 5.63
N PRO A 708 -24.09 0.21 5.98
CA PRO A 708 -23.09 -0.32 5.05
C PRO A 708 -23.61 -0.96 3.75
N GLU A 709 -24.80 -1.52 3.79
CA GLU A 709 -25.37 -2.18 2.62
C GLU A 709 -25.85 -1.22 1.55
N THR A 710 -26.46 -0.11 1.95
CA THR A 710 -26.93 0.90 1.00
C THR A 710 -25.89 1.99 0.84
N GLN A 711 -24.88 1.96 1.72
CA GLN A 711 -23.82 2.96 1.70
C GLN A 711 -24.40 4.36 1.88
N GLU A 712 -25.29 4.48 2.85
CA GLU A 712 -25.95 5.74 3.15
C GLU A 712 -26.10 5.92 4.65
N SER A 713 -26.19 7.18 5.07
CA SER A 713 -26.43 7.49 6.46
C SER A 713 -27.95 7.61 6.50
N ALA A 714 -28.48 8.36 7.46
CA ALA A 714 -29.91 8.53 7.56
C ALA A 714 -30.25 9.64 8.54
N PRO A 715 -31.45 10.24 8.40
CA PRO A 715 -31.87 11.32 9.30
C PRO A 715 -31.83 10.81 10.73
N ASP A 716 -31.40 11.65 11.66
CA ASP A 716 -31.30 11.25 13.07
C ASP A 716 -32.56 10.58 13.65
N GLN A 717 -33.73 11.15 13.39
CA GLN A 717 -34.97 10.60 13.96
C GLN A 717 -35.35 9.22 13.46
N GLU A 718 -34.73 8.79 12.37
CA GLU A 718 -35.01 7.47 11.80
C GLU A 718 -34.23 6.37 12.53
N VAL A 719 -33.10 6.73 13.12
CA VAL A 719 -32.26 5.74 13.78
C VAL A 719 -31.92 5.99 15.25
N PHE A 720 -32.29 7.15 15.78
CA PHE A 720 -31.96 7.48 17.17
C PHE A 720 -33.12 8.15 17.91
N LYS A 721 -33.24 7.81 19.20
CA LYS A 721 -34.27 8.39 20.05
C LYS A 721 -33.82 8.45 21.50
N LYS A 722 -33.79 9.65 22.05
CA LYS A 722 -33.39 9.85 23.44
C LYS A 722 -34.58 9.48 24.32
N LEU A 723 -34.30 8.84 25.46
CA LEU A 723 -35.34 8.42 26.39
C LEU A 723 -35.90 9.55 27.24
N GLU A 724 -37.22 9.48 27.48
CA GLU A 724 -37.96 10.46 28.26
C GLU A 724 -37.89 11.83 27.58
C1 ASG B . 2.46 -4.79 -12.83
C2 ASG B . 3.14 -4.26 -11.56
C3 ASG B . 4.57 -3.84 -11.88
C4 ASG B . 5.41 -5.07 -12.48
C5 ASG B . 4.71 -5.59 -13.73
C6 ASG B . 5.46 -6.78 -14.31
C7 ASG B . 1.97 -3.09 -9.64
C8 ASG B . 1.30 -1.81 -9.22
O1 ASG B . 1.13 -5.18 -12.53
N2 ASG B . 2.42 -3.05 -10.99
O3 ASG B . 5.12 -3.33 -10.66
O4 ASG B . 5.57 -5.98 -11.44
O5 ASG B . 3.26 -5.97 -13.38
O6 ASG B . 4.73 -7.43 -15.38
O7 ASG B . 2.11 -4.09 -8.86
OSA ASG B . 7.76 -6.72 -12.18
OSB ASG B . 6.92 -7.42 -10.02
OSC ASG B . 7.58 -5.13 -10.37
S ASG B . 6.96 -6.32 -11.01
C1 GCD B . 5.50 -2.00 -10.52
C2 GCD B . 6.00 -1.77 -9.13
C3 GCD B . 6.43 -0.26 -9.05
C4 GCD B . 7.18 0.39 -10.25
C5 GCD B . 7.34 -0.37 -11.38
C6 GCD B . 8.03 0.08 -12.64
O2 GCD B . 4.88 -1.96 -8.20
O3 GCD B . 6.99 -0.20 -7.73
O5 GCD B . 6.76 -1.80 -11.40
O6A GCD B . 8.36 -0.91 -13.37
O6B GCD B . 8.19 1.34 -12.81
S SO4 C . 0.57 -19.69 -9.11
O1 SO4 C . 1.13 -18.61 -8.32
O2 SO4 C . -0.32 -20.50 -8.29
O3 SO4 C . -0.18 -19.13 -10.23
O4 SO4 C . 1.64 -20.52 -9.63
S SO4 D . -0.80 -25.66 -4.00
O1 SO4 D . 0.53 -26.07 -4.42
O2 SO4 D . -0.72 -25.08 -2.66
O3 SO4 D . -1.32 -24.68 -4.95
O4 SO4 D . -1.69 -26.81 -3.97
S SO4 E . -15.79 -12.40 34.09
O1 SO4 E . -15.44 -13.04 35.34
O2 SO4 E . -17.07 -11.71 34.24
O3 SO4 E . -14.76 -11.44 33.73
O4 SO4 E . -15.91 -13.42 33.05
S SO4 F . -6.38 -5.25 42.13
O1 SO4 F . -5.88 -5.82 43.37
O2 SO4 F . -7.06 -4.00 42.41
O3 SO4 F . -5.28 -5.01 41.21
O4 SO4 F . -7.33 -6.18 41.51
#